data_9D97
#
_entry.id   9D97
#
_cell.length_a   46.963
_cell.length_b   60.047
_cell.length_c   63.337
_cell.angle_alpha   94.960
_cell.angle_beta   95.500
_cell.angle_gamma   106.230
#
_symmetry.space_group_name_H-M   'P 1'
#
loop_
_entity.id
_entity.type
_entity.pdbx_description
1 polymer 'MHC class I antigen'
2 polymer Beta-2-microglobulin
3 polymer Cyclin-A2
4 polymer 'Killer cell immunoglobulin-like receptor 3DL1'
5 non-polymer 2-acetamido-2-deoxy-beta-D-glucopyranose
6 water water
#
loop_
_entity_poly.entity_id
_entity_poly.type
_entity_poly.pdbx_seq_one_letter_code
_entity_poly.pdbx_strand_id
1 'polypeptide(L)'
;GSHSMRYFYTSVSRPGRGEPRFISVGYVDDTQFVRFDSDAASPREEPRAPWIEQEGPEYWDRNTQICKTNTQTYRENLRI
ALRYYNQSEAGSHTLQRMYGCDVGPDGRLLRGHNQFAYDGKDYIALNEDLSSWTAADTAAQITQRKWEAARVAEQLRTYL
EGTCVEWLRRYLENGKETLQRADPPKTHVTHHPISDHEATLRCWALGFYPAEITLTWQRDGEDQTQDTELVETRPAGDRT
FQKWAAVVVPSGEEQRYTCHVQHEGLPKPLTLRWEP
;
A
2 'polypeptide(L)'
;MIQRTPKIQVYSRHPAENGKSNFLNCYVSGFHPSDIEVDLLKNGERIEKVEHSDLSFSKDWSFYLLYYTEFTPTEKDEYA
CRVNHVTLSQPKIVKWDRDM
;
B
3 'polypeptide(L)' YHEDIHTYL C
4 'polypeptide(L)'
;GSHMGGQDKPFLSAWPSAVVPRGGHVTLRCHYRHRFNNFMLYKEDRIHIPIFHGRIFQESFNMSPVTTAHAGNYTCRGSH
PHSPTGWSAPSNPVVIMVTGNHRKPSLLAHPGPLVKSGERVILQCWSDIMFEHFFLHKEGISKDPSRLVGQIHDGVSKAN
FSIGPMMLALAGTYRCYGSVTHTPYQLSAPSDPLDIVVTGPYEKPSLSAQPGPKVQAGESVTLSCSSRSSYDMYHLSREG
GAHERRLPAVRKVNRTFQADFPLGPATHGGTYRCFGSFRHSPYEWSDPSDPLLVSVTGNPS
;
G
#
# COMPACT_ATOMS: atom_id res chain seq x y z
N GLY A 1 -25.39 16.32 -11.13
CA GLY A 1 -25.31 15.23 -12.10
C GLY A 1 -23.93 14.61 -12.19
N SER A 2 -22.90 15.43 -12.06
CA SER A 2 -21.51 14.97 -12.17
C SER A 2 -21.00 14.44 -10.84
N HIS A 3 -20.34 13.28 -10.88
CA HIS A 3 -19.91 12.61 -9.66
C HIS A 3 -18.62 11.86 -9.92
N SER A 4 -17.95 11.47 -8.84
CA SER A 4 -16.69 10.74 -8.95
C SER A 4 -16.65 9.56 -8.00
N MET A 5 -15.91 8.52 -8.40
CA MET A 5 -15.52 7.43 -7.51
C MET A 5 -14.00 7.35 -7.52
N ARG A 6 -13.40 7.23 -6.34
CA ARG A 6 -11.94 7.21 -6.24
C ARG A 6 -11.53 6.19 -5.21
N TYR A 7 -10.50 5.42 -5.53
CA TYR A 7 -9.83 4.62 -4.52
C TYR A 7 -8.44 5.19 -4.26
N PHE A 8 -8.02 5.11 -3.00
CA PHE A 8 -6.73 5.63 -2.56
C PHE A 8 -6.03 4.49 -1.85
N TYR A 9 -4.96 3.97 -2.46
CA TYR A 9 -4.16 2.87 -1.90
C TYR A 9 -2.86 3.45 -1.34
N THR A 10 -2.50 3.05 -0.13
CA THR A 10 -1.23 3.40 0.48
C THR A 10 -0.54 2.14 0.92
N SER A 11 0.71 1.96 0.51
CA SER A 11 1.52 0.83 0.97
C SER A 11 2.80 1.36 1.57
N VAL A 12 3.16 0.87 2.76
CA VAL A 12 4.30 1.44 3.50
C VAL A 12 5.17 0.32 4.04
N SER A 13 6.47 0.40 3.77
CA SER A 13 7.42 -0.48 4.40
C SER A 13 7.95 0.17 5.67
N ARG A 14 8.25 -0.64 6.66
CA ARG A 14 8.66 -0.10 7.94
C ARG A 14 9.53 -1.12 8.65
N PRO A 15 10.70 -1.42 8.11
CA PRO A 15 11.52 -2.52 8.65
C PRO A 15 11.75 -2.38 10.15
N GLY A 16 11.42 -3.43 10.89
CA GLY A 16 11.62 -3.46 12.32
C GLY A 16 10.52 -2.81 13.15
N ARG A 17 9.65 -2.02 12.54
CA ARG A 17 8.58 -1.39 13.31
C ARG A 17 7.21 -1.93 12.98
N GLY A 18 7.09 -2.77 11.95
CA GLY A 18 5.85 -3.44 11.64
C GLY A 18 5.97 -4.17 10.33
N GLU A 19 4.95 -4.98 10.05
CA GLU A 19 4.88 -5.62 8.74
C GLU A 19 4.54 -4.57 7.68
N PRO A 20 4.92 -4.80 6.42
CA PRO A 20 4.52 -3.87 5.36
C PRO A 20 3.00 -3.74 5.34
N ARG A 21 2.53 -2.50 5.33
CA ARG A 21 1.11 -2.22 5.53
C ARG A 21 0.48 -1.80 4.22
N PHE A 22 -0.73 -2.30 3.96
CA PHE A 22 -1.52 -1.87 2.82
C PHE A 22 -2.86 -1.34 3.34
N ILE A 23 -3.21 -0.10 2.96
CA ILE A 23 -4.50 0.49 3.31
C ILE A 23 -5.18 0.95 2.03
N SER A 24 -6.46 0.63 1.89
CA SER A 24 -7.25 1.15 0.79
C SER A 24 -8.47 1.87 1.36
N VAL A 25 -8.79 3.05 0.83
CA VAL A 25 -10.06 3.68 1.15
C VAL A 25 -10.74 4.07 -0.15
N GLY A 26 -12.06 3.96 -0.17
CA GLY A 26 -12.85 4.30 -1.35
C GLY A 26 -13.78 5.44 -1.04
N TYR A 27 -13.95 6.35 -2.02
CA TYR A 27 -14.81 7.52 -1.88
C TYR A 27 -15.78 7.62 -3.05
N VAL A 28 -17.01 8.01 -2.77
CA VAL A 28 -17.91 8.59 -3.76
C VAL A 28 -17.96 10.06 -3.46
N ASP A 29 -17.51 10.88 -4.42
CA ASP A 29 -17.34 12.31 -4.21
C ASP A 29 -16.53 12.52 -2.94
N ASP A 30 -17.07 13.25 -1.96
CA ASP A 30 -16.32 13.51 -0.74
C ASP A 30 -16.72 12.60 0.41
N THR A 31 -17.35 11.46 0.13
CA THR A 31 -17.86 10.56 1.16
C THR A 31 -17.12 9.23 1.12
N GLN A 32 -16.39 8.92 2.19
CA GLN A 32 -15.72 7.63 2.26
C GLN A 32 -16.76 6.53 2.47
N PHE A 33 -16.66 5.43 1.72
CA PHE A 33 -17.65 4.38 1.87
C PHE A 33 -17.07 3.01 2.18
N VAL A 34 -15.76 2.78 1.98
CA VAL A 34 -15.13 1.51 2.35
C VAL A 34 -13.72 1.76 2.86
N ARG A 35 -13.23 0.82 3.67
CA ARG A 35 -11.81 0.79 4.06
C ARG A 35 -11.34 -0.65 4.14
N PHE A 36 -10.06 -0.84 3.85
CA PHE A 36 -9.36 -2.10 4.09
C PHE A 36 -8.01 -1.74 4.69
N ASP A 37 -7.62 -2.41 5.77
CA ASP A 37 -6.34 -2.15 6.42
C ASP A 37 -5.69 -3.48 6.76
N SER A 38 -4.53 -3.77 6.15
CA SER A 38 -3.86 -5.05 6.43
C SER A 38 -3.38 -5.14 7.86
N ASP A 39 -3.31 -4.04 8.59
CA ASP A 39 -2.95 -4.08 10.01
C ASP A 39 -4.11 -4.49 10.91
N ALA A 40 -5.33 -4.55 10.38
CA ALA A 40 -6.46 -4.98 11.20
C ALA A 40 -6.25 -6.42 11.67
N ALA A 41 -7.04 -6.82 12.67
CA ALA A 41 -6.90 -8.16 13.24
C ALA A 41 -7.13 -9.24 12.19
N SER A 42 -8.27 -9.21 11.52
CA SER A 42 -8.57 -10.13 10.43
C SER A 42 -9.06 -9.26 9.28
N PRO A 43 -8.15 -8.81 8.43
CA PRO A 43 -8.49 -7.75 7.49
C PRO A 43 -9.57 -8.17 6.49
N ARG A 44 -10.54 -7.26 6.31
CA ARG A 44 -11.57 -7.40 5.28
C ARG A 44 -11.96 -6.01 4.82
N GLU A 45 -12.55 -5.93 3.63
CA GLU A 45 -13.17 -4.68 3.22
C GLU A 45 -14.35 -4.39 4.14
N GLU A 46 -14.39 -3.17 4.69
CA GLU A 46 -15.39 -2.81 5.70
C GLU A 46 -16.19 -1.60 5.25
N PRO A 47 -17.48 -1.56 5.59
CA PRO A 47 -18.31 -0.40 5.27
C PRO A 47 -17.94 0.81 6.11
N ARG A 48 -18.00 1.98 5.48
CA ARG A 48 -17.74 3.24 6.18
C ARG A 48 -18.83 4.29 5.92
N ALA A 49 -19.82 3.99 5.10
CA ALA A 49 -21.04 4.78 5.01
C ALA A 49 -22.24 3.83 5.04
N PRO A 50 -23.33 4.23 5.67
CA PRO A 50 -24.44 3.28 5.82
C PRO A 50 -25.03 2.80 4.51
N TRP A 51 -24.99 3.61 3.46
CA TRP A 51 -25.66 3.21 2.23
C TRP A 51 -24.93 2.10 1.49
N ILE A 52 -23.71 1.72 1.90
CA ILE A 52 -23.05 0.55 1.30
C ILE A 52 -23.35 -0.74 2.06
N GLU A 53 -23.97 -0.65 3.24
CA GLU A 53 -24.05 -1.82 4.12
C GLU A 53 -24.95 -2.94 3.60
N GLN A 54 -25.89 -2.64 2.70
CA GLN A 54 -26.77 -3.70 2.22
C GLN A 54 -26.25 -4.42 0.98
N GLU A 55 -25.05 -4.08 0.47
CA GLU A 55 -24.45 -4.93 -0.56
C GLU A 55 -24.30 -6.35 0.00
N GLY A 56 -24.52 -7.33 -0.87
CA GLY A 56 -24.60 -8.70 -0.43
C GLY A 56 -23.24 -9.30 -0.13
N PRO A 57 -23.26 -10.56 0.32
CA PRO A 57 -22.00 -11.17 0.75
C PRO A 57 -21.01 -11.31 -0.38
N GLU A 58 -21.47 -11.48 -1.62
CA GLU A 58 -20.53 -11.61 -2.73
C GLU A 58 -19.75 -10.32 -2.97
N TYR A 59 -20.37 -9.16 -2.75
CA TYR A 59 -19.68 -7.88 -2.86
C TYR A 59 -18.50 -7.82 -1.88
N TRP A 60 -18.77 -8.11 -0.61
CA TRP A 60 -17.73 -8.01 0.42
C TRP A 60 -16.68 -9.08 0.21
N ASP A 61 -17.11 -10.28 -0.22
CA ASP A 61 -16.15 -11.35 -0.49
C ASP A 61 -15.18 -10.94 -1.56
N ARG A 62 -15.69 -10.46 -2.69
CA ARG A 62 -14.82 -10.20 -3.83
C ARG A 62 -13.95 -8.97 -3.61
N ASN A 63 -14.49 -7.92 -3.00
CA ASN A 63 -13.63 -6.76 -2.77
C ASN A 63 -12.61 -7.03 -1.68
N THR A 64 -12.95 -7.84 -0.67
CA THR A 64 -11.92 -8.28 0.27
C THR A 64 -10.83 -9.07 -0.43
N GLN A 65 -11.20 -10.00 -1.32
CA GLN A 65 -10.20 -10.79 -2.00
C GLN A 65 -9.27 -9.91 -2.82
N ILE A 66 -9.84 -8.92 -3.53
CA ILE A 66 -8.98 -8.01 -4.32
C ILE A 66 -8.01 -7.29 -3.40
N CYS A 67 -8.48 -6.84 -2.22
CA CYS A 67 -7.58 -6.14 -1.31
C CYS A 67 -6.53 -7.07 -0.70
N LYS A 68 -6.87 -8.33 -0.42
CA LYS A 68 -5.88 -9.26 0.12
C LYS A 68 -4.79 -9.53 -0.92
N THR A 69 -5.21 -9.69 -2.18
CA THR A 69 -4.24 -9.87 -3.25
C THR A 69 -3.40 -8.61 -3.44
N ASN A 70 -4.03 -7.43 -3.32
CA ASN A 70 -3.28 -6.18 -3.38
C ASN A 70 -2.24 -6.09 -2.27
N THR A 71 -2.56 -6.61 -1.08
CA THR A 71 -1.59 -6.53 0.01
C THR A 71 -0.29 -7.23 -0.38
N GLN A 72 -0.41 -8.43 -0.97
CA GLN A 72 0.77 -9.16 -1.42
C GLN A 72 1.46 -8.45 -2.57
N THR A 73 0.67 -7.93 -3.52
CA THR A 73 1.22 -7.26 -4.69
C THR A 73 2.04 -6.05 -4.28
N TYR A 74 1.50 -5.21 -3.40
CA TYR A 74 2.20 -3.98 -3.05
C TYR A 74 3.39 -4.24 -2.14
N ARG A 75 3.36 -5.30 -1.34
CA ARG A 75 4.58 -5.68 -0.64
C ARG A 75 5.69 -6.00 -1.63
N GLU A 76 5.36 -6.73 -2.69
CA GLU A 76 6.35 -7.00 -3.73
C GLU A 76 6.78 -5.71 -4.46
N ASN A 77 5.82 -4.83 -4.75
CA ASN A 77 6.16 -3.58 -5.43
C ASN A 77 7.15 -2.74 -4.64
N LEU A 78 7.02 -2.74 -3.31
CA LEU A 78 8.00 -2.01 -2.51
C LEU A 78 9.39 -2.62 -2.67
N ARG A 79 9.49 -3.94 -2.75
CA ARG A 79 10.78 -4.58 -2.99
C ARG A 79 11.32 -4.25 -4.38
N ILE A 80 10.44 -4.21 -5.38
CA ILE A 80 10.87 -3.86 -6.74
C ILE A 80 11.41 -2.44 -6.79
N ALA A 81 10.74 -1.52 -6.09
CA ALA A 81 11.18 -0.12 -6.09
C ALA A 81 12.55 0.03 -5.41
N LEU A 82 12.81 -0.74 -4.35
CA LEU A 82 14.15 -0.76 -3.76
C LEU A 82 15.20 -1.12 -4.80
N ARG A 83 14.90 -2.10 -5.66
CA ARG A 83 15.86 -2.48 -6.69
C ARG A 83 16.01 -1.39 -7.73
N TYR A 84 14.90 -0.79 -8.18
CA TYR A 84 14.98 0.26 -9.19
C TYR A 84 15.80 1.45 -8.71
N TYR A 85 15.67 1.81 -7.44
CA TYR A 85 16.28 3.02 -6.91
C TYR A 85 17.55 2.74 -6.10
N ASN A 86 17.99 1.49 -6.02
CA ASN A 86 19.24 1.16 -5.33
C ASN A 86 19.20 1.61 -3.87
N GLN A 87 18.09 1.30 -3.20
CA GLN A 87 17.88 1.72 -1.82
C GLN A 87 18.12 0.57 -0.84
N SER A 88 18.38 0.95 0.41
CA SER A 88 18.68 -0.01 1.46
C SER A 88 17.43 -0.73 1.94
N GLU A 89 17.59 -2.00 2.31
CA GLU A 89 16.46 -2.78 2.81
C GLU A 89 16.05 -2.36 4.22
N ALA A 90 16.81 -1.48 4.85
CA ALA A 90 16.52 -1.03 6.20
C ALA A 90 15.63 0.21 6.23
N GLY A 91 15.46 0.90 5.10
CA GLY A 91 14.72 2.14 5.09
C GLY A 91 13.22 1.94 4.94
N SER A 92 12.46 2.98 5.27
CA SER A 92 11.01 2.98 5.16
C SER A 92 10.59 3.77 3.93
N HIS A 93 9.67 3.21 3.15
CA HIS A 93 9.24 3.79 1.88
C HIS A 93 7.73 3.66 1.69
N THR A 94 7.21 4.47 0.76
CA THR A 94 5.77 4.62 0.56
C THR A 94 5.44 4.48 -0.92
N LEU A 95 4.47 3.63 -1.25
CA LEU A 95 3.90 3.59 -2.60
C LEU A 95 2.41 3.94 -2.50
N GLN A 96 1.96 4.86 -3.34
CA GLN A 96 0.56 5.29 -3.36
C GLN A 96 -0.03 5.12 -4.75
N ARG A 97 -1.29 4.74 -4.81
CA ARG A 97 -2.04 4.70 -6.06
C ARG A 97 -3.38 5.40 -5.84
N MET A 98 -3.79 6.23 -6.80
CA MET A 98 -5.14 6.76 -6.82
C MET A 98 -5.74 6.43 -8.18
N TYR A 99 -6.99 5.95 -8.20
CA TYR A 99 -7.63 5.69 -9.48
C TYR A 99 -9.13 5.82 -9.35
N GLY A 100 -9.79 5.97 -10.49
CA GLY A 100 -11.24 5.99 -10.49
C GLY A 100 -11.79 6.77 -11.66
N CYS A 101 -13.10 7.05 -11.59
CA CYS A 101 -13.83 7.59 -12.71
C CYS A 101 -14.62 8.82 -12.32
N ASP A 102 -14.76 9.75 -13.26
CA ASP A 102 -15.69 10.87 -13.13
C ASP A 102 -16.79 10.69 -14.17
N VAL A 103 -18.04 10.82 -13.75
CA VAL A 103 -19.16 10.68 -14.67
C VAL A 103 -19.86 12.02 -14.80
N GLY A 104 -20.36 12.30 -15.99
CA GLY A 104 -21.13 13.49 -16.22
C GLY A 104 -22.61 13.26 -15.99
N PRO A 105 -23.43 14.28 -16.27
CA PRO A 105 -24.88 14.13 -16.00
C PRO A 105 -25.53 13.03 -16.82
N ASP A 106 -24.96 12.67 -17.96
CA ASP A 106 -25.49 11.61 -18.80
C ASP A 106 -25.13 10.21 -18.34
N GLY A 107 -24.40 10.07 -17.22
CA GLY A 107 -23.94 8.79 -16.77
C GLY A 107 -22.77 8.22 -17.53
N ARG A 108 -22.25 8.93 -18.53
CA ARG A 108 -21.12 8.48 -19.30
C ARG A 108 -19.81 8.87 -18.60
N LEU A 109 -18.79 8.04 -18.79
CA LEU A 109 -17.47 8.39 -18.31
C LEU A 109 -17.03 9.72 -18.90
N LEU A 110 -16.67 10.66 -18.03
CA LEU A 110 -16.09 11.93 -18.45
C LEU A 110 -14.57 11.92 -18.39
N ARG A 111 -14.01 11.35 -17.32
CA ARG A 111 -12.57 11.31 -17.16
C ARG A 111 -12.24 10.08 -16.35
N GLY A 112 -11.12 9.45 -16.69
CA GLY A 112 -10.58 8.39 -15.86
C GLY A 112 -9.25 8.76 -15.24
N HIS A 113 -8.91 8.11 -14.14
CA HIS A 113 -7.69 8.42 -13.41
C HIS A 113 -7.01 7.12 -13.01
N ASN A 114 -5.67 7.11 -13.08
CA ASN A 114 -4.90 5.99 -12.55
C ASN A 114 -3.45 6.47 -12.41
N GLN A 115 -3.04 6.80 -11.18
CA GLN A 115 -1.68 7.33 -11.06
C GLN A 115 -1.03 6.86 -9.78
N PHE A 116 0.30 6.90 -9.78
CA PHE A 116 1.12 6.31 -8.73
C PHE A 116 2.18 7.30 -8.28
N ALA A 117 2.55 7.19 -6.99
CA ALA A 117 3.65 7.95 -6.43
C ALA A 117 4.53 7.03 -5.60
N TYR A 118 5.82 7.32 -5.60
CA TYR A 118 6.76 6.60 -4.75
C TYR A 118 7.47 7.62 -3.89
N ASP A 119 7.44 7.42 -2.57
CA ASP A 119 8.02 8.34 -1.60
C ASP A 119 7.55 9.77 -1.83
N GLY A 120 6.27 9.91 -2.17
CA GLY A 120 5.64 11.21 -2.23
C GLY A 120 5.84 11.98 -3.51
N LYS A 121 6.45 11.38 -4.52
CA LYS A 121 6.67 12.02 -5.81
C LYS A 121 6.01 11.20 -6.91
N ASP A 122 5.51 11.90 -7.92
CA ASP A 122 4.91 11.25 -9.08
C ASP A 122 5.83 10.15 -9.59
N TYR A 123 5.24 8.99 -9.86
CA TYR A 123 5.96 7.89 -10.46
C TYR A 123 5.49 7.61 -11.89
N ILE A 124 4.23 7.21 -12.06
CA ILE A 124 3.67 6.96 -13.38
C ILE A 124 2.17 7.29 -13.33
N ALA A 125 1.64 7.82 -14.44
CA ALA A 125 0.23 8.14 -14.50
C ALA A 125 -0.33 7.77 -15.86
N LEU A 126 -1.59 7.30 -15.86
CA LEU A 126 -2.32 7.08 -17.09
C LEU A 126 -2.80 8.41 -17.64
N ASN A 127 -2.54 8.66 -18.92
CA ASN A 127 -2.94 9.93 -19.51
C ASN A 127 -4.46 9.95 -19.73
N GLU A 128 -4.97 11.16 -20.03
CA GLU A 128 -6.41 11.37 -20.14
C GLU A 128 -7.00 10.66 -21.34
N ASP A 129 -6.19 10.30 -22.32
CA ASP A 129 -6.66 9.47 -23.42
C ASP A 129 -6.91 8.03 -23.01
N LEU A 130 -6.53 7.65 -21.80
CA LEU A 130 -6.72 6.30 -21.25
C LEU A 130 -6.00 5.24 -22.08
N SER A 131 -4.93 5.63 -22.76
CA SER A 131 -4.23 4.69 -23.63
C SER A 131 -2.72 4.81 -23.58
N SER A 132 -2.16 5.81 -22.91
CA SER A 132 -0.72 6.02 -22.84
C SER A 132 -0.37 6.43 -21.43
N TRP A 133 0.93 6.39 -21.14
CA TRP A 133 1.44 6.64 -19.80
C TRP A 133 2.42 7.82 -19.80
N THR A 134 2.47 8.50 -18.66
CA THR A 134 3.51 9.50 -18.38
C THR A 134 4.35 8.96 -17.23
N ALA A 135 5.61 8.65 -17.52
CA ALA A 135 6.56 8.17 -16.53
C ALA A 135 7.43 9.34 -16.06
N ALA A 136 7.61 9.44 -14.75
CA ALA A 136 8.30 10.61 -14.21
C ALA A 136 9.82 10.48 -14.19
N ASP A 137 10.37 9.27 -14.21
CA ASP A 137 11.81 9.09 -14.11
C ASP A 137 12.19 7.78 -14.79
N THR A 138 13.48 7.45 -14.74
CA THR A 138 13.95 6.28 -15.49
C THR A 138 13.43 4.98 -14.88
N ALA A 139 13.20 4.94 -13.58
CA ALA A 139 12.60 3.75 -12.99
C ALA A 139 11.19 3.54 -13.52
N ALA A 140 10.40 4.61 -13.58
CA ALA A 140 9.03 4.46 -14.07
C ALA A 140 8.99 4.11 -15.54
N GLN A 141 10.04 4.45 -16.28
CA GLN A 141 10.11 4.04 -17.68
C GLN A 141 10.20 2.52 -17.83
N ILE A 142 10.84 1.84 -16.85
CA ILE A 142 10.83 0.38 -16.84
C ILE A 142 9.42 -0.13 -16.63
N THR A 143 8.74 0.39 -15.59
CA THR A 143 7.36 0.02 -15.36
C THR A 143 6.49 0.27 -16.58
N GLN A 144 6.70 1.40 -17.25
CA GLN A 144 5.90 1.71 -18.44
C GLN A 144 6.06 0.63 -19.50
N ARG A 145 7.30 0.18 -19.72
CA ARG A 145 7.53 -0.88 -20.72
C ARG A 145 6.83 -2.17 -20.33
N LYS A 146 6.85 -2.51 -19.04
CA LYS A 146 6.18 -3.72 -18.59
C LYS A 146 4.67 -3.57 -18.70
N TRP A 147 4.13 -2.40 -18.37
CA TRP A 147 2.68 -2.24 -18.42
C TRP A 147 2.17 -2.14 -19.85
N GLU A 148 2.99 -1.64 -20.76
CA GLU A 148 2.62 -1.70 -22.17
C GLU A 148 2.57 -3.15 -22.64
N ALA A 149 3.54 -3.96 -22.22
CA ALA A 149 3.56 -5.35 -22.65
C ALA A 149 2.40 -6.15 -22.06
N ALA A 150 1.97 -5.78 -20.86
CA ALA A 150 0.86 -6.41 -20.16
C ALA A 150 -0.49 -5.80 -20.53
N ARG A 151 -0.53 -4.82 -21.43
CA ARG A 151 -1.77 -4.16 -21.86
C ARG A 151 -2.55 -3.63 -20.67
N VAL A 152 -1.83 -3.02 -19.72
CA VAL A 152 -2.48 -2.51 -18.52
C VAL A 152 -3.46 -1.38 -18.85
N ALA A 153 -3.10 -0.50 -19.79
CA ALA A 153 -4.00 0.61 -20.12
C ALA A 153 -5.34 0.10 -20.66
N GLU A 154 -5.30 -0.89 -21.57
CA GLU A 154 -6.52 -1.44 -22.12
C GLU A 154 -7.40 -2.04 -21.03
N GLN A 155 -6.79 -2.73 -20.05
CA GLN A 155 -7.57 -3.29 -18.95
C GLN A 155 -8.16 -2.19 -18.08
N LEU A 156 -7.38 -1.14 -17.83
CA LEU A 156 -7.90 -0.03 -17.03
C LEU A 156 -9.04 0.66 -17.75
N ARG A 157 -8.90 0.85 -19.06
CA ARG A 157 -9.97 1.49 -19.82
C ARG A 157 -11.26 0.69 -19.72
N THR A 158 -11.15 -0.65 -19.83
CA THR A 158 -12.31 -1.52 -19.70
C THR A 158 -12.96 -1.37 -18.33
N TYR A 159 -12.14 -1.35 -17.27
CA TYR A 159 -12.67 -1.16 -15.92
C TYR A 159 -13.33 0.20 -15.78
N LEU A 160 -12.66 1.25 -16.24
CA LEU A 160 -13.17 2.60 -16.05
C LEU A 160 -14.49 2.80 -16.78
N GLU A 161 -14.58 2.30 -18.01
CA GLU A 161 -15.76 2.51 -18.83
C GLU A 161 -16.91 1.59 -18.43
N GLY A 162 -16.63 0.51 -17.71
CA GLY A 162 -17.64 -0.46 -17.37
C GLY A 162 -17.92 -0.52 -15.88
N THR A 163 -17.16 -1.35 -15.17
CA THR A 163 -17.36 -1.58 -13.74
C THR A 163 -17.41 -0.28 -12.94
N CYS A 164 -16.43 0.60 -13.18
CA CYS A 164 -16.33 1.82 -12.37
C CYS A 164 -17.59 2.67 -12.52
N VAL A 165 -17.97 2.99 -13.76
CA VAL A 165 -19.14 3.82 -14.03
C VAL A 165 -20.42 3.13 -13.54
N GLU A 166 -20.51 1.81 -13.75
CA GLU A 166 -21.73 1.09 -13.38
C GLU A 166 -21.91 1.06 -11.87
N TRP A 167 -20.84 0.79 -11.12
CA TRP A 167 -20.98 0.76 -9.68
C TRP A 167 -21.11 2.17 -9.09
N LEU A 168 -20.45 3.18 -9.68
CA LEU A 168 -20.70 4.54 -9.22
C LEU A 168 -22.18 4.89 -9.35
N ARG A 169 -22.80 4.53 -10.50
CA ARG A 169 -24.24 4.77 -10.67
C ARG A 169 -25.05 4.05 -9.59
N ARG A 170 -24.66 2.82 -9.25
CA ARG A 170 -25.36 2.08 -8.21
C ARG A 170 -25.21 2.74 -6.85
N TYR A 171 -23.99 3.17 -6.51
CA TYR A 171 -23.78 3.82 -5.22
C TYR A 171 -24.58 5.11 -5.12
N LEU A 172 -24.63 5.88 -6.21
CA LEU A 172 -25.37 7.14 -6.18
C LEU A 172 -26.84 6.89 -5.91
N GLU A 173 -27.38 5.77 -6.40
CA GLU A 173 -28.78 5.44 -6.10
C GLU A 173 -28.93 4.93 -4.67
N ASN A 174 -28.02 4.06 -4.21
CA ASN A 174 -28.03 3.58 -2.83
C ASN A 174 -28.03 4.73 -1.84
N GLY A 175 -27.26 5.78 -2.11
CA GLY A 175 -27.08 6.84 -1.14
C GLY A 175 -27.61 8.16 -1.64
N LYS A 176 -28.64 8.10 -2.50
CA LYS A 176 -29.14 9.29 -3.18
C LYS A 176 -29.43 10.42 -2.21
N GLU A 177 -30.07 10.10 -1.09
CA GLU A 177 -30.57 11.14 -0.22
C GLU A 177 -29.46 11.87 0.53
N THR A 178 -28.23 11.35 0.55
CA THR A 178 -27.07 12.07 1.04
C THR A 178 -26.10 12.47 -0.06
N LEU A 179 -25.83 11.58 -1.02
CA LEU A 179 -24.82 11.85 -2.04
C LEU A 179 -25.30 12.82 -3.11
N GLN A 180 -26.60 12.85 -3.41
CA GLN A 180 -27.14 13.68 -4.48
C GLN A 180 -27.97 14.85 -3.99
N ARG A 181 -28.02 15.08 -2.69
CA ARG A 181 -28.72 16.22 -2.13
C ARG A 181 -27.65 17.13 -1.55
N ALA A 182 -27.39 18.24 -2.22
CA ALA A 182 -26.40 19.19 -1.72
C ALA A 182 -26.93 19.86 -0.46
N ASP A 183 -26.10 19.87 0.59
CA ASP A 183 -26.42 20.56 1.83
C ASP A 183 -25.75 21.93 1.77
N PRO A 184 -26.50 23.03 1.70
CA PRO A 184 -25.88 24.33 1.52
C PRO A 184 -25.15 24.77 2.78
N PRO A 185 -24.14 25.61 2.65
CA PRO A 185 -23.47 26.12 3.83
C PRO A 185 -24.37 27.05 4.60
N LYS A 186 -24.23 26.99 5.92
CA LYS A 186 -24.74 28.01 6.81
C LYS A 186 -23.63 29.03 7.01
N THR A 187 -23.93 30.30 6.76
CA THR A 187 -22.87 31.31 6.64
C THR A 187 -23.07 32.43 7.65
N HIS A 188 -21.97 32.97 8.15
CA HIS A 188 -22.03 34.16 8.98
C HIS A 188 -20.64 34.80 9.05
N VAL A 189 -20.61 36.06 9.48
CA VAL A 189 -19.38 36.85 9.56
C VAL A 189 -19.11 37.20 11.02
N THR A 190 -17.88 36.95 11.48
CA THR A 190 -17.44 37.32 12.82
C THR A 190 -16.34 38.37 12.77
N HIS A 191 -16.07 38.98 13.91
CA HIS A 191 -15.19 40.14 14.01
C HIS A 191 -14.27 39.94 15.20
N HIS A 192 -12.95 40.02 14.96
CA HIS A 192 -11.99 39.83 16.06
C HIS A 192 -10.84 40.83 15.98
N PRO A 193 -10.69 41.69 16.99
CA PRO A 193 -9.60 42.67 16.98
C PRO A 193 -8.23 42.00 16.95
N ILE A 194 -7.35 42.53 16.09
CA ILE A 194 -5.95 42.13 16.05
C ILE A 194 -5.06 43.16 16.72
N SER A 195 -5.53 44.38 16.86
CA SER A 195 -4.83 45.47 17.50
C SER A 195 -5.89 46.48 17.93
N ASP A 196 -5.45 47.64 18.37
CA ASP A 196 -6.41 48.70 18.67
C ASP A 196 -6.94 49.39 17.42
N HIS A 197 -6.47 48.99 16.22
CA HIS A 197 -6.78 49.76 15.03
C HIS A 197 -7.16 48.90 13.83
N GLU A 198 -7.17 47.57 13.96
CA GLU A 198 -7.53 46.68 12.87
C GLU A 198 -8.21 45.46 13.46
N ALA A 199 -9.03 44.80 12.65
CA ALA A 199 -9.69 43.60 13.10
C ALA A 199 -9.76 42.61 11.94
N THR A 200 -9.92 41.35 12.31
CA THR A 200 -10.21 40.30 11.35
C THR A 200 -11.70 40.20 11.15
N LEU A 201 -12.14 40.28 9.90
CA LEU A 201 -13.47 39.83 9.52
C LEU A 201 -13.32 38.40 9.00
N ARG A 202 -14.03 37.48 9.61
CA ARG A 202 -13.94 36.08 9.24
C ARG A 202 -15.29 35.63 8.73
N CYS A 203 -15.31 35.16 7.48
CA CYS A 203 -16.52 34.66 6.83
C CYS A 203 -16.55 33.15 6.96
N TRP A 204 -17.58 32.63 7.61
CA TRP A 204 -17.70 31.21 7.92
C TRP A 204 -18.68 30.53 6.98
N ALA A 205 -18.33 29.30 6.57
CA ALA A 205 -19.26 28.40 5.89
C ALA A 205 -19.25 27.07 6.64
N LEU A 206 -20.41 26.66 7.14
CA LEU A 206 -20.51 25.52 8.03
C LEU A 206 -21.54 24.54 7.53
N GLY A 207 -21.26 23.25 7.74
CA GLY A 207 -22.28 22.25 7.51
C GLY A 207 -22.62 21.96 6.06
N PHE A 208 -21.68 22.14 5.12
CA PHE A 208 -22.02 21.95 3.73
C PHE A 208 -21.51 20.62 3.19
N TYR A 209 -22.16 20.16 2.13
CA TYR A 209 -21.79 18.97 1.38
C TYR A 209 -22.29 19.17 -0.04
N PRO A 210 -21.48 18.88 -1.08
CA PRO A 210 -20.11 18.34 -1.04
C PRO A 210 -19.07 19.38 -0.62
N ALA A 211 -17.79 19.02 -0.64
CA ALA A 211 -16.77 19.87 -0.02
C ALA A 211 -16.34 21.04 -0.89
N GLU A 212 -16.58 21.00 -2.20
CA GLU A 212 -16.15 22.09 -3.06
C GLU A 212 -16.95 23.35 -2.74
N ILE A 213 -16.23 24.46 -2.53
CA ILE A 213 -16.86 25.73 -2.19
C ILE A 213 -15.91 26.83 -2.59
N THR A 214 -16.47 28.00 -2.93
CA THR A 214 -15.65 29.18 -3.11
C THR A 214 -16.08 30.24 -2.10
N LEU A 215 -15.08 30.85 -1.47
CA LEU A 215 -15.31 31.75 -0.34
C LEU A 215 -14.28 32.87 -0.52
N THR A 216 -14.74 34.07 -0.87
CA THR A 216 -13.81 35.17 -1.14
C THR A 216 -14.33 36.46 -0.53
N TRP A 217 -13.39 37.37 -0.28
CA TRP A 217 -13.69 38.72 0.22
C TRP A 217 -13.49 39.75 -0.87
N GLN A 218 -14.45 40.67 -0.99
CA GLN A 218 -14.29 41.85 -1.83
C GLN A 218 -14.27 43.10 -0.96
N ARG A 219 -13.51 44.10 -1.40
CA ARG A 219 -13.54 45.43 -0.81
C ARG A 219 -13.96 46.41 -1.90
N ASP A 220 -15.06 47.11 -1.65
CA ASP A 220 -15.64 48.02 -2.64
C ASP A 220 -15.90 47.30 -3.97
N GLY A 221 -16.24 46.01 -3.90
CA GLY A 221 -16.51 45.21 -5.07
C GLY A 221 -15.29 44.68 -5.78
N GLU A 222 -14.09 44.88 -5.24
CA GLU A 222 -12.86 44.41 -5.85
C GLU A 222 -12.32 43.21 -5.06
N ASP A 223 -11.91 42.18 -5.80
CA ASP A 223 -11.42 40.96 -5.15
C ASP A 223 -10.19 41.25 -4.30
N GLN A 224 -10.16 40.64 -3.11
CA GLN A 224 -9.06 40.82 -2.15
C GLN A 224 -8.25 39.55 -1.96
N THR A 225 -8.10 38.76 -3.04
CA THR A 225 -7.49 37.43 -2.91
C THR A 225 -6.10 37.51 -2.28
N GLN A 226 -5.31 38.50 -2.64
CA GLN A 226 -3.94 38.61 -2.14
C GLN A 226 -3.89 38.89 -0.64
N ASP A 227 -4.94 39.47 -0.06
CA ASP A 227 -4.96 39.82 1.36
C ASP A 227 -5.83 38.88 2.19
N THR A 228 -6.45 37.88 1.57
CA THR A 228 -7.38 36.99 2.25
C THR A 228 -6.64 35.76 2.77
N GLU A 229 -6.84 35.45 4.05
CA GLU A 229 -6.40 34.17 4.60
C GLU A 229 -7.53 33.16 4.43
N LEU A 230 -7.22 32.05 3.78
CA LEU A 230 -8.20 31.02 3.45
C LEU A 230 -7.70 29.72 4.06
N VAL A 231 -8.47 29.12 5.00
CA VAL A 231 -8.03 27.85 5.56
C VAL A 231 -8.48 26.73 4.64
N GLU A 232 -7.76 25.61 4.70
CA GLU A 232 -8.17 24.43 3.96
C GLU A 232 -9.56 23.99 4.42
N THR A 233 -10.40 23.62 3.46
CA THR A 233 -11.69 23.02 3.80
C THR A 233 -11.48 21.79 4.66
N ARG A 234 -12.28 21.68 5.71
CA ARG A 234 -12.03 20.70 6.75
C ARG A 234 -13.29 19.94 7.10
N PRO A 235 -13.17 18.67 7.46
CA PRO A 235 -14.36 17.87 7.78
C PRO A 235 -14.92 18.22 9.14
N ALA A 236 -16.24 18.35 9.21
CA ALA A 236 -16.88 18.59 10.49
C ALA A 236 -16.96 17.32 11.34
N GLY A 237 -16.86 16.15 10.73
CA GLY A 237 -16.93 14.88 11.43
C GLY A 237 -18.23 14.14 11.21
N ASP A 238 -19.25 14.82 10.66
CA ASP A 238 -20.55 14.23 10.40
C ASP A 238 -20.84 14.09 8.90
N ARG A 239 -19.79 14.04 8.07
CA ARG A 239 -19.86 13.98 6.61
C ARG A 239 -20.29 15.31 5.99
N THR A 240 -20.17 16.40 6.74
CA THR A 240 -20.24 17.75 6.18
C THR A 240 -18.89 18.44 6.40
N PHE A 241 -18.77 19.63 5.84
CA PHE A 241 -17.49 20.33 5.82
C PHE A 241 -17.65 21.74 6.31
N GLN A 242 -16.48 22.35 6.60
CA GLN A 242 -16.39 23.71 7.08
C GLN A 242 -15.26 24.45 6.37
N LYS A 243 -15.39 25.76 6.27
CA LYS A 243 -14.30 26.59 5.75
C LYS A 243 -14.49 27.99 6.29
N TRP A 244 -13.40 28.74 6.39
CA TRP A 244 -13.56 30.17 6.58
C TRP A 244 -12.50 30.94 5.80
N ALA A 245 -12.79 32.22 5.61
CA ALA A 245 -11.94 33.16 4.90
C ALA A 245 -11.88 34.44 5.72
N ALA A 246 -10.68 35.00 5.87
CA ALA A 246 -10.50 36.15 6.75
C ALA A 246 -9.75 37.26 6.03
N VAL A 247 -10.14 38.50 6.32
CA VAL A 247 -9.43 39.69 5.86
C VAL A 247 -9.20 40.59 7.06
N VAL A 248 -8.06 41.28 7.04
CA VAL A 248 -7.70 42.23 8.08
C VAL A 248 -8.14 43.60 7.62
N VAL A 249 -9.00 44.26 8.40
CA VAL A 249 -9.60 45.51 7.96
C VAL A 249 -9.34 46.61 8.98
N PRO A 250 -9.11 47.85 8.52
CA PRO A 250 -8.95 48.96 9.47
C PRO A 250 -10.25 49.22 10.20
N SER A 251 -10.14 49.55 11.49
CA SER A 251 -11.33 49.83 12.26
C SER A 251 -12.09 50.99 11.64
N GLY A 252 -13.41 50.84 11.54
CA GLY A 252 -14.23 51.83 10.89
C GLY A 252 -14.49 51.59 9.41
N GLU A 253 -13.80 50.64 8.78
CA GLU A 253 -13.97 50.38 7.36
C GLU A 253 -14.68 49.07 7.08
N GLU A 254 -15.27 48.44 8.11
CA GLU A 254 -15.87 47.13 7.94
C GLU A 254 -16.96 47.11 6.87
N GLN A 255 -17.65 48.22 6.66
CA GLN A 255 -18.75 48.23 5.70
C GLN A 255 -18.29 48.16 4.25
N ARG A 256 -16.99 48.32 3.99
CA ARG A 256 -16.48 48.22 2.63
C ARG A 256 -16.41 46.78 2.16
N TYR A 257 -16.49 45.81 3.06
CA TYR A 257 -16.10 44.44 2.78
C TYR A 257 -17.32 43.52 2.68
N THR A 258 -17.34 42.69 1.65
CA THR A 258 -18.42 41.73 1.44
C THR A 258 -17.80 40.37 1.19
N CYS A 259 -18.43 39.33 1.73
CA CYS A 259 -18.01 37.95 1.56
C CYS A 259 -18.87 37.28 0.50
N HIS A 260 -18.25 36.47 -0.35
CA HIS A 260 -18.92 35.90 -1.51
C HIS A 260 -18.77 34.40 -1.49
N VAL A 261 -19.90 33.69 -1.67
CA VAL A 261 -19.93 32.23 -1.52
C VAL A 261 -20.60 31.59 -2.74
N GLN A 262 -20.00 30.52 -3.24
CA GLN A 262 -20.66 29.70 -4.25
C GLN A 262 -20.51 28.24 -3.84
N HIS A 263 -21.61 27.50 -3.95
CA HIS A 263 -21.67 26.11 -3.54
C HIS A 263 -22.81 25.47 -4.31
N GLU A 264 -22.72 24.15 -4.55
CA GLU A 264 -23.75 23.49 -5.33
C GLU A 264 -25.13 23.57 -4.67
N GLY A 265 -25.18 23.75 -3.36
CA GLY A 265 -26.42 23.90 -2.61
C GLY A 265 -27.03 25.28 -2.62
N LEU A 266 -26.34 26.25 -3.21
CA LEU A 266 -26.82 27.63 -3.31
C LEU A 266 -27.26 27.88 -4.74
N PRO A 267 -28.56 28.05 -5.00
CA PRO A 267 -29.02 28.24 -6.39
C PRO A 267 -28.54 29.52 -7.04
N LYS A 268 -28.06 30.49 -6.27
CA LYS A 268 -27.44 31.71 -6.73
C LYS A 268 -26.21 31.97 -5.89
N PRO A 269 -25.16 32.56 -6.46
CA PRO A 269 -24.04 33.03 -5.65
C PRO A 269 -24.54 33.93 -4.54
N LEU A 270 -23.84 33.92 -3.42
CA LEU A 270 -24.31 34.52 -2.18
C LEU A 270 -23.35 35.63 -1.74
N THR A 271 -23.90 36.75 -1.25
CA THR A 271 -23.10 37.85 -0.72
C THR A 271 -23.53 38.11 0.71
N LEU A 272 -22.55 38.25 1.62
CA LEU A 272 -22.87 38.62 3.00
C LEU A 272 -21.83 39.59 3.56
N ARG A 273 -22.17 40.19 4.72
CA ARG A 273 -21.39 41.26 5.33
C ARG A 273 -21.41 41.11 6.85
N TRP A 274 -20.51 41.84 7.52
CA TRP A 274 -20.51 41.90 8.96
C TRP A 274 -21.65 42.80 9.43
N GLU A 275 -22.36 42.35 10.45
CA GLU A 275 -23.36 43.17 11.11
C GLU A 275 -23.23 42.98 12.61
N PRO A 276 -22.91 44.03 13.38
CA PRO A 276 -22.74 43.93 14.83
C PRO A 276 -23.94 43.32 15.54
N MET B 1 13.87 11.71 -0.85
CA MET B 1 12.81 11.48 0.12
C MET B 1 12.06 12.77 0.45
N ILE B 2 10.87 12.92 -0.14
CA ILE B 2 10.00 14.02 0.23
C ILE B 2 9.58 13.86 1.68
N GLN B 3 9.74 14.93 2.45
CA GLN B 3 9.14 15.00 3.78
C GLN B 3 8.36 16.30 3.83
N ARG B 4 7.10 16.22 4.26
CA ARG B 4 6.23 17.37 4.37
C ARG B 4 5.68 17.43 5.78
N THR B 5 5.81 18.58 6.42
CA THR B 5 5.37 18.70 7.80
C THR B 5 3.85 18.87 7.88
N PRO B 6 3.22 18.29 8.90
CA PRO B 6 1.76 18.38 9.02
C PRO B 6 1.25 19.80 9.21
N LYS B 7 0.17 20.11 8.49
CA LYS B 7 -0.70 21.23 8.80
C LYS B 7 -1.75 20.76 9.81
N ILE B 8 -2.14 21.64 10.73
CA ILE B 8 -3.02 21.27 11.84
C ILE B 8 -4.11 22.32 11.98
N GLN B 9 -5.36 21.88 12.03
CA GLN B 9 -6.48 22.73 12.44
C GLN B 9 -7.21 22.05 13.58
N VAL B 10 -7.46 22.81 14.64
CA VAL B 10 -8.20 22.35 15.80
C VAL B 10 -9.46 23.20 15.92
N TYR B 11 -10.61 22.56 16.06
CA TYR B 11 -11.89 23.24 15.91
C TYR B 11 -13.00 22.33 16.40
N SER B 12 -14.16 22.91 16.62
CA SER B 12 -15.32 22.16 17.06
C SER B 12 -16.25 21.90 15.89
N ARG B 13 -17.03 20.82 16.01
CA ARG B 13 -18.01 20.50 14.98
C ARG B 13 -19.07 21.57 14.86
N HIS B 14 -19.57 22.07 15.99
CA HIS B 14 -20.58 23.13 16.01
C HIS B 14 -20.02 24.35 16.73
N PRO B 15 -20.53 25.53 16.43
CA PRO B 15 -20.13 26.72 17.19
C PRO B 15 -20.23 26.45 18.69
N ALA B 16 -19.18 26.85 19.41
CA ALA B 16 -19.04 26.46 20.80
C ALA B 16 -19.97 27.25 21.70
N GLU B 17 -20.51 26.56 22.71
CA GLU B 17 -21.28 27.18 23.78
C GLU B 17 -20.86 26.48 25.07
N ASN B 18 -20.36 27.24 26.03
CA ASN B 18 -19.92 26.67 27.30
C ASN B 18 -21.04 25.84 27.93
N GLY B 19 -20.74 24.59 28.24
CA GLY B 19 -21.70 23.69 28.86
C GLY B 19 -22.52 22.85 27.92
N LYS B 20 -22.40 23.06 26.60
CA LYS B 20 -23.18 22.30 25.62
C LYS B 20 -22.29 21.25 24.97
N SER B 21 -22.78 20.02 24.91
CA SER B 21 -22.00 18.93 24.32
C SER B 21 -21.68 19.23 22.85
N ASN B 22 -20.49 18.81 22.42
CA ASN B 22 -19.95 19.17 21.11
C ASN B 22 -18.93 18.10 20.73
N PHE B 23 -18.23 18.31 19.61
CA PHE B 23 -17.13 17.45 19.21
C PHE B 23 -15.90 18.31 18.95
N LEU B 24 -14.76 17.85 19.48
CA LEU B 24 -13.48 18.51 19.27
C LEU B 24 -12.75 17.77 18.16
N ASN B 25 -12.33 18.50 17.14
CA ASN B 25 -11.72 17.96 15.92
C ASN B 25 -10.27 18.41 15.83
N CYS B 26 -9.40 17.50 15.40
CA CYS B 26 -8.04 17.87 15.00
C CYS B 26 -7.84 17.29 13.61
N TYR B 27 -7.77 18.17 12.61
CA TYR B 27 -7.61 17.78 11.23
C TYR B 27 -6.14 17.96 10.88
N VAL B 28 -5.47 16.87 10.54
CA VAL B 28 -4.03 16.92 10.26
C VAL B 28 -3.87 16.59 8.78
N SER B 29 -3.19 17.46 8.04
CA SER B 29 -3.15 17.28 6.60
C SER B 29 -1.81 17.73 6.03
N GLY B 30 -1.63 17.47 4.75
CA GLY B 30 -0.44 17.92 4.05
C GLY B 30 0.87 17.29 4.46
N PHE B 31 0.84 16.10 5.07
CA PHE B 31 2.09 15.53 5.56
C PHE B 31 2.52 14.32 4.74
N HIS B 32 3.81 14.03 4.83
CA HIS B 32 4.42 12.88 4.17
C HIS B 32 5.75 12.65 4.88
N PRO B 33 6.09 11.43 5.26
CA PRO B 33 5.35 10.17 5.08
C PRO B 33 4.19 10.04 6.06
N SER B 34 3.56 8.87 6.08
CA SER B 34 2.24 8.75 6.70
C SER B 34 2.29 8.50 8.19
N ASP B 35 3.42 8.04 8.74
CA ASP B 35 3.47 7.73 10.17
C ASP B 35 3.30 9.01 10.97
N ILE B 36 2.33 9.04 11.86
CA ILE B 36 2.02 10.26 12.59
C ILE B 36 1.37 9.88 13.90
N GLU B 37 1.60 10.72 14.92
CA GLU B 37 1.05 10.53 16.25
C GLU B 37 0.19 11.73 16.55
N VAL B 38 -1.08 11.52 16.83
CA VAL B 38 -1.99 12.61 17.07
C VAL B 38 -2.74 12.35 18.38
N ASP B 39 -2.82 13.37 19.23
CA ASP B 39 -3.57 13.26 20.46
C ASP B 39 -4.37 14.55 20.65
N LEU B 40 -5.53 14.41 21.27
CA LEU B 40 -6.30 15.55 21.75
C LEU B 40 -6.02 15.75 23.24
N LEU B 41 -5.86 17.01 23.64
CA LEU B 41 -5.45 17.34 25.00
C LEU B 41 -6.49 18.17 25.70
N LYS B 42 -6.67 17.92 27.00
CA LYS B 42 -7.47 18.77 27.87
C LYS B 42 -6.57 19.24 29.01
N ASN B 43 -6.27 20.54 29.03
CA ASN B 43 -5.34 21.12 30.01
C ASN B 43 -3.99 20.41 29.94
N GLY B 44 -3.55 20.11 28.71
CA GLY B 44 -2.29 19.45 28.47
C GLY B 44 -2.29 17.95 28.61
N GLU B 45 -3.36 17.36 29.13
CA GLU B 45 -3.43 15.92 29.40
C GLU B 45 -4.14 15.19 28.27
N ARG B 46 -3.61 14.04 27.91
CA ARG B 46 -4.14 13.25 26.80
C ARG B 46 -5.56 12.78 27.09
N ILE B 47 -6.45 12.99 26.13
CA ILE B 47 -7.81 12.47 26.21
C ILE B 47 -7.80 11.03 25.71
N GLU B 48 -8.42 10.14 26.48
CA GLU B 48 -8.56 8.75 26.06
C GLU B 48 -9.80 8.57 25.20
N LYS B 49 -9.83 7.48 24.44
CA LYS B 49 -10.99 7.10 23.63
C LYS B 49 -11.28 8.12 22.51
N VAL B 50 -10.23 8.76 22.00
CA VAL B 50 -10.34 9.55 20.80
C VAL B 50 -10.48 8.62 19.60
N GLU B 51 -11.27 9.03 18.61
CA GLU B 51 -11.45 8.27 17.38
C GLU B 51 -10.82 8.99 16.19
N HIS B 52 -10.61 8.26 15.11
CA HIS B 52 -10.00 8.91 13.95
C HIS B 52 -10.47 8.27 12.66
N SER B 53 -10.31 9.04 11.58
CA SER B 53 -10.63 8.58 10.24
C SER B 53 -9.55 7.64 9.72
N ASP B 54 -9.87 6.97 8.62
CA ASP B 54 -8.91 6.10 7.95
C ASP B 54 -7.97 6.90 7.05
N LEU B 55 -6.71 6.49 7.00
CA LEU B 55 -5.70 7.22 6.26
C LEU B 55 -6.07 7.39 4.79
N SER B 56 -6.08 8.63 4.32
CA SER B 56 -6.32 8.93 2.91
C SER B 56 -5.32 10.01 2.49
N PHE B 57 -5.42 10.47 1.24
CA PHE B 57 -4.45 11.47 0.80
C PHE B 57 -5.05 12.31 -0.32
N SER B 58 -4.41 13.45 -0.58
CA SER B 58 -4.87 14.46 -1.53
C SER B 58 -4.23 14.26 -2.91
N LYS B 59 -4.65 15.10 -3.85
CA LYS B 59 -4.14 15.02 -5.22
C LYS B 59 -2.63 15.19 -5.29
N ASP B 60 -2.03 15.91 -4.33
CA ASP B 60 -0.59 16.13 -4.31
C ASP B 60 0.16 15.04 -3.54
N TRP B 61 -0.54 13.95 -3.21
CA TRP B 61 -0.08 12.76 -2.49
C TRP B 61 0.07 12.96 -0.98
N SER B 62 -0.11 14.17 -0.45
CA SER B 62 0.06 14.32 0.99
C SER B 62 -1.15 13.73 1.73
N PHE B 63 -0.87 13.21 2.91
CA PHE B 63 -1.87 12.49 3.70
C PHE B 63 -2.72 13.43 4.54
N TYR B 64 -3.91 12.94 4.91
CA TYR B 64 -4.73 13.65 5.88
C TYR B 64 -5.51 12.67 6.75
N LEU B 65 -5.82 13.13 7.96
CA LEU B 65 -6.52 12.34 8.97
C LEU B 65 -7.32 13.30 9.83
N LEU B 66 -8.48 12.84 10.30
CA LEU B 66 -9.24 13.56 11.31
C LEU B 66 -9.24 12.77 12.62
N TYR B 67 -8.89 13.43 13.72
CA TYR B 67 -9.04 12.88 15.07
C TYR B 67 -10.12 13.66 15.80
N TYR B 68 -10.96 12.98 16.56
CA TYR B 68 -12.07 13.70 17.18
C TYR B 68 -12.54 13.00 18.45
N THR B 69 -13.19 13.79 19.30
CA THR B 69 -13.74 13.26 20.53
C THR B 69 -14.93 14.12 20.95
N GLU B 70 -15.86 13.50 21.67
CA GLU B 70 -16.92 14.25 22.33
C GLU B 70 -16.32 15.07 23.47
N PHE B 71 -16.79 16.31 23.61
CA PHE B 71 -16.33 17.16 24.72
C PHE B 71 -17.38 18.22 25.02
N THR B 72 -17.20 18.89 26.16
CA THR B 72 -18.07 19.99 26.57
C THR B 72 -17.21 21.21 26.87
N PRO B 73 -17.28 22.26 26.06
CA PRO B 73 -16.44 23.44 26.29
C PRO B 73 -16.80 24.14 27.59
N THR B 74 -15.79 24.67 28.26
CA THR B 74 -15.98 25.45 29.48
C THR B 74 -15.10 26.69 29.40
N GLU B 75 -15.35 27.64 30.31
CA GLU B 75 -14.49 28.79 30.41
C GLU B 75 -13.08 28.39 30.88
N LYS B 76 -13.01 27.46 31.83
CA LYS B 76 -11.76 27.17 32.51
C LYS B 76 -10.84 26.26 31.71
N ASP B 77 -11.40 25.34 30.93
CA ASP B 77 -10.61 24.27 30.33
C ASP B 77 -10.03 24.71 28.99
N GLU B 78 -8.77 24.32 28.76
CA GLU B 78 -8.05 24.61 27.53
C GLU B 78 -7.91 23.31 26.76
N TYR B 79 -8.35 23.30 25.50
CA TYR B 79 -8.21 22.12 24.68
C TYR B 79 -7.15 22.36 23.61
N ALA B 80 -6.53 21.28 23.15
CA ALA B 80 -5.46 21.40 22.18
C ALA B 80 -5.33 20.07 21.44
N CYS B 81 -4.58 20.12 20.34
CA CYS B 81 -4.18 18.94 19.60
C CYS B 81 -2.65 18.86 19.58
N ARG B 82 -2.13 17.63 19.73
CA ARG B 82 -0.69 17.41 19.79
C ARG B 82 -0.32 16.44 18.68
N VAL B 83 0.69 16.81 17.87
CA VAL B 83 1.05 16.04 16.68
C VAL B 83 2.55 15.79 16.68
N ASN B 84 2.96 14.54 16.49
CA ASN B 84 4.37 14.27 16.25
C ASN B 84 4.51 13.56 14.91
N HIS B 85 5.62 13.84 14.28
CA HIS B 85 5.88 13.40 12.91
C HIS B 85 7.39 13.42 12.73
N VAL B 86 7.89 12.71 11.71
CA VAL B 86 9.34 12.65 11.54
C VAL B 86 9.95 14.02 11.28
N THR B 87 9.16 14.95 10.72
CA THR B 87 9.64 16.30 10.44
C THR B 87 9.72 17.18 11.68
N LEU B 88 9.20 16.71 12.81
CA LEU B 88 9.12 17.52 14.04
C LEU B 88 10.12 16.98 15.04
N SER B 89 10.95 17.88 15.61
CA SER B 89 11.90 17.46 16.63
C SER B 89 11.18 17.11 17.92
N GLN B 90 10.13 17.86 18.25
CA GLN B 90 9.27 17.64 19.39
C GLN B 90 7.84 17.80 18.91
N PRO B 91 6.86 17.26 19.64
CA PRO B 91 5.47 17.39 19.19
C PRO B 91 5.05 18.85 19.05
N LYS B 92 4.24 19.09 18.04
CA LYS B 92 3.62 20.39 17.82
C LYS B 92 2.28 20.41 18.52
N ILE B 93 2.03 21.46 19.30
CA ILE B 93 0.76 21.61 20.01
C ILE B 93 0.06 22.84 19.46
N VAL B 94 -1.21 22.66 19.08
CA VAL B 94 -2.04 23.75 18.58
C VAL B 94 -3.25 23.87 19.51
N LYS B 95 -3.43 25.04 20.11
CA LYS B 95 -4.53 25.21 21.04
C LYS B 95 -5.85 25.47 20.31
N TRP B 96 -6.94 24.97 20.88
CA TRP B 96 -8.26 25.27 20.35
C TRP B 96 -8.64 26.71 20.68
N ASP B 97 -8.91 27.49 19.65
CA ASP B 97 -9.41 28.85 19.73
C ASP B 97 -10.80 28.81 19.10
N ARG B 98 -11.83 29.01 19.93
CA ARG B 98 -13.20 28.86 19.43
C ARG B 98 -13.54 29.87 18.34
N ASP B 99 -12.70 30.88 18.12
CA ASP B 99 -12.88 31.85 17.05
C ASP B 99 -12.35 31.36 15.70
N MET B 100 -11.71 30.19 15.65
CA MET B 100 -11.03 29.75 14.42
C MET B 100 -11.42 28.34 13.99
N TYR C 1 -16.35 -0.26 -6.31
CA TYR C 1 -15.94 -1.65 -6.58
C TYR C 1 -14.51 -1.59 -7.12
N HIS C 2 -13.60 -2.33 -6.47
CA HIS C 2 -12.19 -2.25 -6.84
C HIS C 2 -11.94 -2.82 -8.22
N GLU C 3 -10.88 -2.31 -8.86
CA GLU C 3 -10.39 -2.95 -10.07
C GLU C 3 -9.72 -4.28 -9.73
N ASP C 4 -10.08 -5.31 -10.49
CA ASP C 4 -9.59 -6.67 -10.25
C ASP C 4 -8.34 -6.84 -11.10
N ILE C 5 -7.25 -6.28 -10.58
CA ILE C 5 -5.96 -6.30 -11.24
C ILE C 5 -4.91 -6.31 -10.16
N HIS C 6 -3.80 -6.99 -10.41
CA HIS C 6 -2.66 -6.95 -9.48
C HIS C 6 -1.45 -6.57 -10.33
N THR C 7 -1.17 -5.27 -10.40
CA THR C 7 -0.14 -4.71 -11.25
C THR C 7 1.16 -4.53 -10.48
N TYR C 8 2.24 -5.02 -11.05
CA TYR C 8 3.56 -4.98 -10.45
C TYR C 8 4.41 -3.93 -11.14
N LEU C 9 5.23 -3.23 -10.36
CA LEU C 9 6.14 -2.25 -10.94
C LEU C 9 7.17 -2.89 -11.87
N ASP D 8 1.15 -0.86 25.93
CA ASP D 8 0.44 -1.69 24.94
C ASP D 8 1.36 -2.77 24.36
N LYS D 9 1.31 -2.99 23.04
CA LYS D 9 1.90 -4.19 22.43
C LYS D 9 3.10 -3.84 21.55
N PRO D 10 4.32 -4.22 21.95
CA PRO D 10 5.49 -3.98 21.08
C PRO D 10 5.43 -4.82 19.82
N PHE D 11 6.27 -4.45 18.86
CA PHE D 11 6.51 -5.26 17.66
C PHE D 11 7.89 -5.90 17.79
N LEU D 12 7.91 -7.22 17.96
CA LEU D 12 9.14 -7.99 17.99
C LEU D 12 9.49 -8.45 16.58
N SER D 13 10.74 -8.24 16.18
CA SER D 13 11.17 -8.59 14.82
C SER D 13 12.54 -9.25 14.85
N ALA D 14 12.76 -10.15 13.90
CA ALA D 14 14.05 -10.81 13.70
C ALA D 14 14.64 -10.30 12.39
N TRP D 15 15.89 -9.86 12.43
CA TRP D 15 16.52 -9.28 11.25
C TRP D 15 17.87 -9.97 10.97
N PRO D 16 18.14 -10.36 9.72
CA PRO D 16 17.27 -10.22 8.52
C PRO D 16 16.16 -11.26 8.39
N SER D 17 16.22 -12.35 9.14
CA SER D 17 15.29 -13.46 8.95
C SER D 17 15.18 -14.26 10.24
N ALA D 18 13.95 -14.67 10.58
CA ALA D 18 13.76 -15.58 11.70
C ALA D 18 14.19 -17.01 11.38
N VAL D 19 14.24 -17.36 10.10
CA VAL D 19 14.80 -18.64 9.66
C VAL D 19 16.27 -18.39 9.34
N VAL D 20 17.15 -18.94 10.16
CA VAL D 20 18.56 -18.54 10.10
C VAL D 20 19.45 -19.76 10.25
N PRO D 21 20.54 -19.86 9.49
CA PRO D 21 21.43 -21.00 9.65
C PRO D 21 22.24 -20.88 10.92
N ARG D 22 22.50 -22.04 11.52
CA ARG D 22 23.57 -22.15 12.49
C ARG D 22 24.84 -21.54 11.93
N GLY D 23 25.52 -20.73 12.74
CA GLY D 23 26.65 -19.96 12.26
C GLY D 23 26.28 -18.69 11.53
N GLY D 24 24.99 -18.39 11.41
CA GLY D 24 24.53 -17.16 10.81
C GLY D 24 24.37 -16.06 11.84
N HIS D 25 23.56 -15.08 11.50
N HIS D 25 23.49 -15.11 11.52
CA HIS D 25 23.34 -13.99 12.45
CA HIS D 25 23.34 -13.89 12.28
C HIS D 25 21.89 -13.54 12.36
C HIS D 25 21.86 -13.51 12.33
N VAL D 26 21.34 -13.22 13.52
CA VAL D 26 19.98 -12.72 13.65
C VAL D 26 19.94 -11.76 14.82
N THR D 27 19.21 -10.67 14.65
CA THR D 27 19.07 -9.64 15.67
C THR D 27 17.60 -9.49 16.00
N LEU D 28 17.26 -9.55 17.29
CA LEU D 28 15.91 -9.30 17.77
C LEU D 28 15.80 -7.86 18.23
N ARG D 29 14.76 -7.17 17.79
CA ARG D 29 14.47 -5.84 18.28
C ARG D 29 13.02 -5.77 18.72
N CYS D 30 12.78 -4.95 19.74
CA CYS D 30 11.48 -4.80 20.38
C CYS D 30 11.07 -3.33 20.24
N HIS D 31 10.33 -3.03 19.18
CA HIS D 31 9.92 -1.66 18.89
C HIS D 31 8.67 -1.33 19.69
N TYR D 32 8.76 -0.32 20.55
CA TYR D 32 7.72 0.01 21.51
C TYR D 32 7.82 1.49 21.85
N ARG D 33 6.67 2.15 21.92
CA ARG D 33 6.59 3.59 22.17
C ARG D 33 7.46 4.36 21.18
N HIS D 34 7.31 4.01 19.89
CA HIS D 34 7.93 4.70 18.77
C HIS D 34 9.46 4.68 18.84
N ARG D 35 10.02 3.64 19.44
CA ARG D 35 11.47 3.51 19.53
C ARG D 35 11.82 2.03 19.57
N PHE D 36 13.01 1.71 19.12
CA PHE D 36 13.60 0.40 19.41
C PHE D 36 14.02 0.43 20.87
N ASN D 37 13.14 -0.06 21.74
CA ASN D 37 13.16 0.23 23.16
C ASN D 37 13.99 -0.80 23.92
N ASN D 38 14.20 -0.52 25.22
CA ASN D 38 14.73 -1.53 26.12
C ASN D 38 13.66 -2.58 26.37
N PHE D 39 14.10 -3.82 26.56
CA PHE D 39 13.10 -4.88 26.66
C PHE D 39 13.64 -6.08 27.41
N MET D 40 12.71 -6.89 27.89
CA MET D 40 13.02 -8.21 28.41
C MET D 40 12.43 -9.24 27.46
N LEU D 41 13.00 -10.43 27.46
CA LEU D 41 12.56 -11.48 26.56
C LEU D 41 11.90 -12.60 27.37
N TYR D 42 11.00 -13.32 26.70
CA TYR D 42 10.23 -14.41 27.27
C TYR D 42 10.20 -15.54 26.27
N LYS D 43 10.14 -16.78 26.75
CA LYS D 43 10.14 -17.94 25.87
C LYS D 43 8.87 -18.76 26.01
N GLU D 44 8.43 -19.31 24.88
CA GLU D 44 7.25 -20.16 24.74
C GLU D 44 6.01 -19.53 25.36
N ASP D 45 5.41 -20.22 26.34
CA ASP D 45 4.19 -19.77 26.98
C ASP D 45 4.46 -18.92 28.20
N ARG D 46 5.69 -18.88 28.69
CA ARG D 46 6.03 -18.32 29.99
C ARG D 46 6.22 -16.81 29.89
N ILE D 47 5.09 -16.11 29.70
CA ILE D 47 5.10 -14.66 29.49
C ILE D 47 5.05 -13.88 30.79
N HIS D 48 5.03 -14.55 31.94
CA HIS D 48 5.00 -13.86 33.22
C HIS D 48 6.35 -13.89 33.92
N ILE D 49 7.37 -14.43 33.27
CA ILE D 49 8.68 -14.57 33.91
C ILE D 49 9.73 -14.50 32.81
N PRO D 50 10.63 -13.52 32.84
CA PRO D 50 11.57 -13.33 31.74
C PRO D 50 12.69 -14.36 31.75
N ILE D 51 13.28 -14.55 30.57
CA ILE D 51 14.46 -15.42 30.46
C ILE D 51 15.69 -14.58 30.77
N PHE D 52 16.85 -15.24 30.86
CA PHE D 52 18.14 -14.58 31.11
C PHE D 52 18.15 -13.83 32.45
N HIS D 53 17.45 -14.39 33.45
CA HIS D 53 17.39 -13.78 34.78
C HIS D 53 16.89 -12.35 34.75
N GLY D 54 15.99 -12.04 33.82
CA GLY D 54 15.46 -10.70 33.73
C GLY D 54 16.41 -9.70 33.13
N ARG D 55 17.32 -10.15 32.28
CA ARG D 55 18.22 -9.22 31.61
C ARG D 55 17.40 -8.22 30.79
N ILE D 56 17.73 -6.94 30.93
CA ILE D 56 17.10 -5.88 30.16
C ILE D 56 17.99 -5.55 28.99
N PHE D 57 17.51 -5.82 27.78
CA PHE D 57 18.29 -5.57 26.58
C PHE D 57 18.20 -4.11 26.17
N GLN D 58 19.34 -3.56 25.75
CA GLN D 58 19.42 -2.18 25.27
C GLN D 58 19.38 -2.21 23.75
N GLU D 59 18.24 -1.79 23.18
CA GLU D 59 18.04 -1.60 21.75
C GLU D 59 17.89 -2.90 20.96
N SER D 60 18.76 -3.88 21.18
CA SER D 60 18.69 -5.09 20.37
C SER D 60 19.35 -6.26 21.08
N PHE D 61 19.01 -7.45 20.61
CA PHE D 61 19.68 -8.69 21.03
C PHE D 61 20.28 -9.33 19.78
N ASN D 62 21.61 -9.36 19.72
CA ASN D 62 22.33 -9.88 18.56
C ASN D 62 22.78 -11.31 18.85
N MET D 63 22.26 -12.26 18.07
CA MET D 63 22.69 -13.65 18.14
C MET D 63 23.67 -13.89 16.99
N SER D 64 24.95 -14.02 17.31
CA SER D 64 25.99 -14.12 16.29
C SER D 64 27.29 -14.62 16.90
N PRO D 65 27.78 -15.80 16.49
CA PRO D 65 27.15 -16.73 15.55
C PRO D 65 25.94 -17.39 16.16
N VAL D 66 24.91 -17.61 15.34
CA VAL D 66 23.71 -18.31 15.78
C VAL D 66 24.09 -19.73 16.15
N THR D 67 23.55 -20.19 17.27
CA THR D 67 23.76 -21.57 17.71
C THR D 67 22.42 -22.28 17.82
N THR D 68 22.49 -23.60 17.95
CA THR D 68 21.29 -24.38 18.19
C THR D 68 20.52 -23.86 19.42
N ALA D 69 21.25 -23.40 20.45
CA ALA D 69 20.60 -22.92 21.66
C ALA D 69 19.73 -21.69 21.41
N HIS D 70 19.94 -20.97 20.30
CA HIS D 70 19.15 -19.76 20.04
C HIS D 70 17.76 -20.06 19.50
N ALA D 71 17.50 -21.27 19.03
CA ALA D 71 16.21 -21.58 18.44
C ALA D 71 15.12 -21.55 19.50
N GLY D 72 13.94 -21.06 19.15
CA GLY D 72 12.84 -21.07 20.08
C GLY D 72 11.82 -20.00 19.77
N ASN D 73 10.81 -19.93 20.64
CA ASN D 73 9.64 -19.08 20.48
C ASN D 73 9.75 -17.94 21.49
N TYR D 74 9.95 -16.72 21.00
CA TYR D 74 10.27 -15.54 21.81
C TYR D 74 9.12 -14.54 21.83
N THR D 75 8.98 -13.86 22.96
CA THR D 75 8.11 -12.70 23.09
C THR D 75 8.91 -11.65 23.87
N CYS D 76 8.65 -10.36 23.59
CA CYS D 76 9.27 -9.30 24.37
C CYS D 76 8.22 -8.49 25.09
N ARG D 77 8.66 -7.81 26.16
CA ARG D 77 7.91 -6.71 26.74
C ARG D 77 8.81 -5.50 26.74
N GLY D 78 8.24 -4.36 26.37
CA GLY D 78 9.00 -3.13 26.30
C GLY D 78 8.99 -2.41 27.63
N SER D 79 10.09 -1.72 27.91
CA SER D 79 10.18 -0.92 29.12
C SER D 79 9.18 0.23 29.07
N HIS D 80 8.45 0.43 30.16
CA HIS D 80 7.44 1.49 30.27
C HIS D 80 7.51 2.07 31.68
N PRO D 81 8.52 2.87 31.98
CA PRO D 81 8.64 3.45 33.32
C PRO D 81 7.46 4.33 33.65
N HIS D 82 7.21 4.48 34.96
CA HIS D 82 6.15 5.32 35.50
C HIS D 82 4.76 4.86 35.07
N SER D 83 4.63 3.58 34.72
CA SER D 83 3.36 2.91 34.51
C SER D 83 3.09 1.96 35.67
N PRO D 84 1.84 1.48 35.83
CA PRO D 84 1.54 0.63 37.00
C PRO D 84 2.35 -0.65 37.06
N THR D 85 2.66 -1.28 35.92
CA THR D 85 3.45 -2.50 35.93
C THR D 85 4.92 -2.28 35.57
N GLY D 86 5.25 -1.15 34.94
CA GLY D 86 6.60 -0.89 34.48
C GLY D 86 6.95 -1.48 33.13
N TRP D 87 6.04 -2.25 32.51
CA TRP D 87 6.33 -2.95 31.27
C TRP D 87 5.10 -2.95 30.38
N SER D 88 5.35 -3.17 29.09
CA SER D 88 4.28 -3.28 28.11
C SER D 88 3.54 -4.61 28.28
N ALA D 89 2.49 -4.77 27.48
CA ALA D 89 1.91 -6.07 27.26
C ALA D 89 2.86 -6.92 26.43
N PRO D 90 2.65 -8.24 26.39
CA PRO D 90 3.50 -9.08 25.54
C PRO D 90 3.41 -8.68 24.07
N SER D 91 4.55 -8.75 23.39
CA SER D 91 4.62 -8.52 21.96
C SER D 91 4.02 -9.68 21.18
N ASN D 92 4.00 -9.53 19.86
CA ASN D 92 3.83 -10.65 18.96
C ASN D 92 4.96 -11.66 19.20
N PRO D 93 4.69 -12.95 19.04
CA PRO D 93 5.75 -13.95 19.17
C PRO D 93 6.55 -14.11 17.88
N VAL D 94 7.84 -14.39 18.05
CA VAL D 94 8.76 -14.64 16.94
C VAL D 94 9.44 -15.97 17.18
N VAL D 95 9.35 -16.86 16.20
CA VAL D 95 9.93 -18.19 16.30
C VAL D 95 11.23 -18.17 15.52
N ILE D 96 12.37 -18.21 16.22
CA ILE D 96 13.66 -18.36 15.57
C ILE D 96 13.86 -19.84 15.27
N MET D 97 14.01 -20.17 14.00
CA MET D 97 14.26 -21.54 13.56
C MET D 97 15.68 -21.60 13.04
N VAL D 98 16.49 -22.45 13.64
CA VAL D 98 17.90 -22.57 13.28
C VAL D 98 18.05 -23.77 12.36
N THR D 99 18.59 -23.52 11.18
CA THR D 99 18.73 -24.53 10.13
C THR D 99 20.14 -25.12 10.13
N GLY D 100 20.27 -26.26 9.45
CA GLY D 100 21.54 -26.92 9.29
C GLY D 100 21.82 -28.06 10.24
N ASN D 101 20.78 -28.72 10.77
CA ASN D 101 20.97 -29.75 11.78
C ASN D 101 20.63 -31.15 11.31
N HIS D 102 20.19 -31.32 10.07
CA HIS D 102 19.91 -32.63 9.49
C HIS D 102 20.24 -32.54 8.02
N ARG D 103 20.37 -33.71 7.38
CA ARG D 103 20.52 -33.72 5.93
C ARG D 103 19.30 -33.09 5.27
N LYS D 104 19.54 -32.44 4.14
CA LYS D 104 18.49 -31.67 3.50
C LYS D 104 17.45 -32.59 2.84
N PRO D 105 16.20 -32.15 2.77
CA PRO D 105 15.21 -32.83 1.94
C PRO D 105 15.37 -32.42 0.48
N SER D 106 14.60 -33.08 -0.38
CA SER D 106 14.52 -32.70 -1.79
C SER D 106 13.25 -31.90 -2.03
N LEU D 107 13.30 -31.06 -3.06
CA LEU D 107 12.20 -30.16 -3.37
C LEU D 107 11.99 -30.15 -4.88
N LEU D 108 10.78 -30.44 -5.33
CA LEU D 108 10.48 -30.44 -6.75
C LEU D 108 9.16 -29.72 -6.98
N ALA D 109 9.00 -29.19 -8.19
CA ALA D 109 7.75 -28.54 -8.56
C ALA D 109 6.94 -29.45 -9.49
N HIS D 110 5.65 -29.54 -9.23
CA HIS D 110 4.74 -30.38 -10.01
C HIS D 110 3.59 -29.53 -10.54
N PRO D 111 3.35 -29.52 -11.86
CA PRO D 111 4.00 -30.32 -12.90
C PRO D 111 5.38 -29.79 -13.29
N GLY D 112 5.74 -28.59 -12.86
CA GLY D 112 7.03 -28.03 -13.20
C GLY D 112 7.14 -26.62 -12.65
N PRO D 113 8.35 -26.04 -12.74
CA PRO D 113 8.59 -24.73 -12.12
C PRO D 113 8.12 -23.53 -12.94
N LEU D 114 7.72 -23.70 -14.20
CA LEU D 114 7.13 -22.60 -14.97
CA LEU D 114 7.14 -22.61 -14.98
C LEU D 114 5.62 -22.65 -14.81
N VAL D 115 5.06 -21.63 -14.18
CA VAL D 115 3.66 -21.64 -13.76
C VAL D 115 2.91 -20.50 -14.44
N LYS D 116 1.84 -20.83 -15.15
CA LYS D 116 1.04 -19.77 -15.77
C LYS D 116 0.41 -18.88 -14.72
N SER D 117 0.38 -17.58 -15.02
CA SER D 117 -0.33 -16.63 -14.16
C SER D 117 -1.74 -17.12 -13.87
N GLY D 118 -2.11 -17.12 -12.59
CA GLY D 118 -3.43 -17.52 -12.17
C GLY D 118 -3.60 -19.00 -11.86
N GLU D 119 -2.61 -19.82 -12.16
CA GLU D 119 -2.68 -21.25 -11.90
C GLU D 119 -1.95 -21.59 -10.61
N ARG D 120 -2.07 -22.84 -10.20
CA ARG D 120 -1.41 -23.33 -9.01
C ARG D 120 -0.28 -24.29 -9.40
N VAL D 121 0.67 -24.43 -8.49
CA VAL D 121 1.75 -25.39 -8.62
C VAL D 121 1.93 -26.06 -7.27
N ILE D 122 2.33 -27.32 -7.29
CA ILE D 122 2.65 -28.07 -6.09
C ILE D 122 4.17 -28.04 -5.91
N LEU D 123 4.61 -27.62 -4.73
CA LEU D 123 6.02 -27.76 -4.35
C LEU D 123 6.10 -28.92 -3.38
N GLN D 124 6.65 -30.04 -3.83
CA GLN D 124 6.69 -31.25 -3.00
C GLN D 124 8.06 -31.36 -2.33
N CYS D 125 8.07 -31.35 -1.00
CA CYS D 125 9.26 -31.67 -0.23
C CYS D 125 9.21 -33.13 0.15
N TRP D 126 10.35 -33.81 0.10
CA TRP D 126 10.34 -35.21 0.49
C TRP D 126 11.74 -35.63 0.93
N SER D 127 11.76 -36.71 1.70
CA SER D 127 13.01 -37.18 2.27
C SER D 127 12.87 -38.65 2.61
N ASP D 128 14.00 -39.36 2.59
CA ASP D 128 14.08 -40.66 3.23
C ASP D 128 14.39 -40.56 4.71
N ILE D 129 14.56 -39.34 5.23
CA ILE D 129 14.55 -39.08 6.66
C ILE D 129 13.10 -38.83 7.07
N MET D 130 12.67 -39.42 8.18
CA MET D 130 11.27 -39.36 8.60
C MET D 130 10.99 -38.06 9.35
N PHE D 131 11.04 -36.96 8.60
CA PHE D 131 10.69 -35.66 9.18
C PHE D 131 9.22 -35.64 9.55
N GLU D 132 8.93 -35.14 10.75
CA GLU D 132 7.54 -35.01 11.18
C GLU D 132 6.87 -33.78 10.60
N HIS D 133 7.65 -32.75 10.28
CA HIS D 133 7.13 -31.52 9.71
C HIS D 133 8.05 -31.04 8.61
N PHE D 134 7.48 -30.34 7.65
CA PHE D 134 8.24 -29.66 6.61
C PHE D 134 7.92 -28.18 6.61
N PHE D 135 8.90 -27.38 6.22
CA PHE D 135 8.79 -25.93 6.18
C PHE D 135 9.21 -25.47 4.79
N LEU D 136 8.37 -24.67 4.16
CA LEU D 136 8.67 -24.12 2.84
C LEU D 136 8.94 -22.63 3.01
N HIS D 137 10.11 -22.19 2.53
CA HIS D 137 10.52 -20.81 2.78
C HIS D 137 10.90 -20.16 1.46
N LYS D 138 10.27 -19.01 1.16
CA LYS D 138 10.66 -18.24 -0.02
C LYS D 138 11.81 -17.30 0.35
N GLU D 139 12.86 -17.31 -0.48
CA GLU D 139 14.04 -16.51 -0.21
C GLU D 139 13.69 -15.02 -0.17
N GLY D 140 14.35 -14.30 0.73
CA GLY D 140 14.05 -12.89 0.91
C GLY D 140 14.17 -12.53 2.38
N ILE D 141 13.98 -11.25 2.65
CA ILE D 141 14.08 -10.75 4.02
C ILE D 141 12.70 -10.76 4.66
N SER D 142 12.67 -11.16 5.94
CA SER D 142 11.46 -11.08 6.78
C SER D 142 10.31 -11.92 6.21
N LYS D 143 10.63 -13.11 5.70
CA LYS D 143 9.64 -14.02 5.15
C LYS D 143 9.34 -15.12 6.15
N ASP D 144 8.06 -15.39 6.38
CA ASP D 144 7.66 -16.49 7.27
C ASP D 144 7.54 -17.78 6.48
N PRO D 145 7.96 -18.91 7.04
CA PRO D 145 7.79 -20.19 6.34
C PRO D 145 6.39 -20.76 6.56
N SER D 146 5.94 -21.52 5.57
CA SER D 146 4.72 -22.31 5.74
C SER D 146 5.09 -23.70 6.22
N ARG D 147 4.19 -24.29 7.00
CA ARG D 147 4.44 -25.55 7.68
C ARG D 147 3.41 -26.58 7.27
N LEU D 148 3.85 -27.83 7.09
CA LEU D 148 2.96 -28.94 6.81
C LEU D 148 3.47 -30.17 7.54
N VAL D 149 2.55 -31.01 8.01
CA VAL D 149 2.94 -32.28 8.58
C VAL D 149 3.53 -33.17 7.49
N GLY D 150 4.53 -33.97 7.87
CA GLY D 150 5.07 -34.96 6.95
C GLY D 150 4.13 -36.16 6.86
N GLN D 151 3.87 -36.59 5.63
CA GLN D 151 3.12 -37.83 5.38
C GLN D 151 4.15 -38.94 5.23
N ILE D 152 4.21 -39.84 6.20
CA ILE D 152 5.18 -40.93 6.19
C ILE D 152 4.52 -42.13 5.55
N HIS D 153 5.10 -42.60 4.44
CA HIS D 153 4.57 -43.76 3.73
C HIS D 153 5.64 -44.37 2.83
N ASP D 154 5.85 -45.67 2.96
CA ASP D 154 6.79 -46.43 2.13
C ASP D 154 8.22 -45.91 2.29
N GLY D 155 8.64 -45.75 3.54
CA GLY D 155 9.99 -45.31 3.83
C GLY D 155 10.32 -43.90 3.38
N VAL D 156 9.31 -43.07 3.14
CA VAL D 156 9.51 -41.70 2.65
C VAL D 156 8.60 -40.79 3.44
N SER D 157 9.08 -39.60 3.76
CA SER D 157 8.25 -38.55 4.34
C SER D 157 8.10 -37.45 3.31
N LYS D 158 6.88 -36.95 3.12
CA LYS D 158 6.72 -35.93 2.10
C LYS D 158 5.56 -35.02 2.44
N ALA D 159 5.56 -33.84 1.81
CA ALA D 159 4.49 -32.88 1.97
C ALA D 159 4.33 -32.10 0.68
N ASN D 160 3.08 -31.83 0.31
CA ASN D 160 2.74 -31.08 -0.90
C ASN D 160 2.32 -29.67 -0.51
N PHE D 161 3.18 -28.69 -0.79
CA PHE D 161 2.82 -27.29 -0.60
C PHE D 161 2.14 -26.75 -1.85
N SER D 162 0.96 -26.16 -1.66
CA SER D 162 0.17 -25.58 -2.75
C SER D 162 0.48 -24.09 -2.87
N ILE D 163 0.94 -23.66 -4.04
CA ILE D 163 1.27 -22.25 -4.29
C ILE D 163 0.38 -21.73 -5.41
N GLY D 164 -0.29 -20.61 -5.15
CA GLY D 164 -1.10 -19.97 -6.16
C GLY D 164 -2.41 -19.43 -5.61
N PRO D 165 -3.23 -18.80 -6.47
CA PRO D 165 -3.04 -18.51 -7.91
C PRO D 165 -1.80 -17.67 -8.19
N MET D 166 -1.03 -18.11 -9.18
CA MET D 166 0.32 -17.61 -9.37
C MET D 166 0.34 -16.15 -9.83
N MET D 167 1.24 -15.38 -9.23
CA MET D 167 1.53 -14.01 -9.64
C MET D 167 2.93 -13.71 -9.14
N LEU D 168 3.45 -12.53 -9.48
CA LEU D 168 4.87 -12.29 -9.23
C LEU D 168 5.23 -12.39 -7.74
N ALA D 169 4.32 -11.99 -6.85
CA ALA D 169 4.62 -12.04 -5.42
C ALA D 169 4.91 -13.46 -4.93
N LEU D 170 4.46 -14.47 -5.66
CA LEU D 170 4.66 -15.86 -5.28
C LEU D 170 5.78 -16.51 -6.07
N ALA D 171 6.37 -15.81 -7.03
CA ALA D 171 7.46 -16.35 -7.82
C ALA D 171 8.79 -16.05 -7.12
N GLY D 172 9.80 -16.83 -7.46
CA GLY D 172 11.09 -16.61 -6.84
C GLY D 172 11.67 -17.92 -6.38
N THR D 173 12.68 -17.83 -5.53
CA THR D 173 13.44 -19.00 -5.09
C THR D 173 12.87 -19.53 -3.78
N TYR D 174 12.59 -20.83 -3.75
CA TYR D 174 12.06 -21.49 -2.57
C TYR D 174 13.05 -22.53 -2.10
N ARG D 175 13.07 -22.75 -0.77
CA ARG D 175 13.81 -23.85 -0.16
C ARG D 175 12.88 -24.55 0.82
N CYS D 176 13.09 -25.85 1.00
CA CYS D 176 12.33 -26.61 1.97
C CYS D 176 13.23 -27.13 3.08
N TYR D 177 12.65 -27.31 4.25
CA TYR D 177 13.36 -27.80 5.42
C TYR D 177 12.52 -28.87 6.09
N GLY D 178 13.17 -29.81 6.75
CA GLY D 178 12.50 -30.80 7.57
C GLY D 178 12.81 -30.58 9.03
N SER D 179 11.90 -30.99 9.89
CA SER D 179 12.16 -31.00 11.31
C SER D 179 11.64 -32.29 11.90
N VAL D 180 12.30 -32.74 12.98
CA VAL D 180 11.88 -33.91 13.73
C VAL D 180 11.30 -33.41 15.05
N THR D 181 10.42 -34.22 15.65
CA THR D 181 9.73 -33.80 16.86
C THR D 181 10.68 -33.62 18.04
N HIS D 182 11.80 -34.36 18.07
CA HIS D 182 12.66 -34.30 19.25
C HIS D 182 13.52 -33.04 19.31
N THR D 183 13.53 -32.21 18.26
CA THR D 183 14.25 -30.93 18.26
C THR D 183 13.47 -29.94 17.40
N PRO D 184 12.33 -29.45 17.90
CA PRO D 184 11.31 -28.91 16.98
C PRO D 184 11.69 -27.64 16.22
N TYR D 185 12.45 -26.74 16.83
CA TYR D 185 12.86 -25.52 16.15
C TYR D 185 14.22 -25.67 15.46
N GLN D 186 14.77 -26.87 15.47
CA GLN D 186 16.02 -27.18 14.78
C GLN D 186 15.66 -27.77 13.43
N LEU D 187 15.94 -27.02 12.38
CA LEU D 187 15.56 -27.45 11.05
C LEU D 187 16.73 -28.14 10.39
N SER D 188 16.42 -28.92 9.37
CA SER D 188 17.44 -29.52 8.54
C SER D 188 18.23 -28.44 7.80
N ALA D 189 19.29 -28.88 7.10
CA ALA D 189 19.88 -28.09 6.03
C ALA D 189 18.79 -27.79 5.01
N PRO D 190 18.88 -26.67 4.29
CA PRO D 190 17.88 -26.35 3.27
C PRO D 190 18.03 -27.26 2.06
N SER D 191 16.89 -27.62 1.48
CA SER D 191 16.87 -28.27 0.17
C SER D 191 17.63 -27.45 -0.86
N ASP D 192 18.09 -28.09 -1.92
CA ASP D 192 18.54 -27.32 -3.07
C ASP D 192 17.48 -26.29 -3.44
N PRO D 193 17.88 -25.08 -3.83
CA PRO D 193 16.90 -24.05 -4.16
C PRO D 193 16.13 -24.38 -5.42
N LEU D 194 14.87 -23.95 -5.45
CA LEU D 194 14.00 -24.21 -6.58
C LEU D 194 13.41 -22.89 -7.05
N ASP D 195 13.67 -22.52 -8.31
CA ASP D 195 13.18 -21.25 -8.84
C ASP D 195 11.82 -21.47 -9.48
N ILE D 196 10.82 -20.72 -9.03
CA ILE D 196 9.48 -20.74 -9.58
C ILE D 196 9.32 -19.47 -10.40
N VAL D 197 8.95 -19.63 -11.67
CA VAL D 197 8.84 -18.53 -12.61
C VAL D 197 7.38 -18.42 -13.02
N VAL D 198 6.80 -17.23 -12.94
CA VAL D 198 5.43 -17.02 -13.42
C VAL D 198 5.51 -16.61 -14.90
N THR D 199 4.65 -17.20 -15.73
CA THR D 199 4.54 -16.79 -17.13
C THR D 199 3.26 -15.98 -17.28
N GLY D 200 3.39 -14.78 -17.84
CA GLY D 200 2.29 -13.85 -17.92
C GLY D 200 2.43 -12.73 -16.90
N PRO D 201 1.71 -11.64 -17.09
CA PRO D 201 0.67 -11.40 -18.09
C PRO D 201 1.21 -10.79 -19.38
N TYR D 202 2.51 -10.58 -19.50
CA TYR D 202 3.04 -9.86 -20.66
C TYR D 202 2.78 -10.63 -21.94
N GLU D 203 2.52 -9.90 -23.03
CA GLU D 203 2.03 -10.53 -24.26
C GLU D 203 3.04 -11.51 -24.83
N LYS D 204 2.53 -12.62 -25.35
CA LYS D 204 3.42 -13.64 -25.88
C LYS D 204 4.18 -13.10 -27.09
N PRO D 205 5.45 -13.47 -27.24
CA PRO D 205 6.17 -13.17 -28.47
C PRO D 205 5.76 -14.12 -29.59
N SER D 206 6.21 -13.78 -30.78
CA SER D 206 6.10 -14.64 -31.95
C SER D 206 7.36 -15.51 -32.05
N LEU D 207 7.18 -16.77 -32.43
CA LEU D 207 8.33 -17.65 -32.65
C LEU D 207 8.23 -18.19 -34.06
N SER D 208 9.26 -17.96 -34.88
CA SER D 208 9.17 -18.32 -36.28
C SER D 208 10.55 -18.60 -36.85
N ALA D 209 10.59 -19.34 -37.96
CA ALA D 209 11.83 -19.55 -38.70
C ALA D 209 12.12 -18.33 -39.55
N GLN D 210 13.31 -17.74 -39.39
CA GLN D 210 13.70 -16.53 -40.07
C GLN D 210 15.03 -16.72 -40.80
N PRO D 211 15.29 -15.94 -41.86
CA PRO D 211 14.48 -14.85 -42.43
C PRO D 211 13.21 -15.35 -43.10
N GLY D 212 13.15 -16.64 -43.39
CA GLY D 212 11.96 -17.25 -43.93
C GLY D 212 12.11 -18.76 -44.01
N PRO D 213 11.02 -19.47 -44.32
CA PRO D 213 11.13 -20.93 -44.47
C PRO D 213 11.87 -21.32 -45.74
N LYS D 214 11.76 -20.52 -46.80
CA LYS D 214 12.58 -20.64 -48.00
C LYS D 214 13.76 -19.69 -47.88
N VAL D 215 14.97 -20.19 -48.08
CA VAL D 215 16.19 -19.44 -47.79
C VAL D 215 17.06 -19.40 -49.04
N GLN D 216 17.62 -18.22 -49.30
CA GLN D 216 18.55 -18.00 -50.41
C GLN D 216 19.93 -18.52 -50.02
N ALA D 217 20.86 -18.46 -50.98
CA ALA D 217 22.18 -19.03 -50.78
C ALA D 217 22.90 -18.41 -49.57
N GLY D 218 22.83 -17.09 -49.44
CA GLY D 218 23.53 -16.41 -48.36
C GLY D 218 22.70 -16.18 -47.11
N GLU D 219 21.58 -16.88 -46.98
CA GLU D 219 20.69 -16.72 -45.84
C GLU D 219 20.77 -17.94 -44.93
N SER D 220 20.83 -17.70 -43.63
CA SER D 220 20.97 -18.74 -42.63
C SER D 220 19.72 -18.78 -41.76
N VAL D 221 19.12 -19.95 -41.62
CA VAL D 221 17.86 -20.09 -40.88
C VAL D 221 18.12 -20.02 -39.39
N THR D 222 17.30 -19.23 -38.68
CA THR D 222 17.33 -19.13 -37.23
C THR D 222 15.92 -19.30 -36.68
N LEU D 223 15.85 -19.62 -35.39
CA LEU D 223 14.59 -19.63 -34.66
C LEU D 223 14.49 -18.26 -34.00
N SER D 224 13.59 -17.42 -34.49
CA SER D 224 13.54 -16.03 -34.07
C SER D 224 12.36 -15.79 -33.14
N CYS D 225 12.64 -15.24 -31.96
CA CYS D 225 11.61 -14.86 -31.02
C CYS D 225 11.48 -13.35 -31.14
N SER D 226 10.25 -12.85 -31.37
CA SER D 226 10.14 -11.42 -31.63
C SER D 226 8.85 -10.85 -31.03
N SER D 227 8.89 -9.53 -30.79
CA SER D 227 7.77 -8.82 -30.19
C SER D 227 7.92 -7.33 -30.47
N ARG D 228 6.78 -6.64 -30.52
CA ARG D 228 6.80 -5.18 -30.44
C ARG D 228 7.00 -4.70 -29.01
N SER D 229 6.81 -5.57 -28.01
CA SER D 229 7.05 -5.20 -26.63
C SER D 229 8.54 -5.20 -26.33
N SER D 230 8.95 -4.31 -25.43
CA SER D 230 10.35 -3.98 -25.15
C SER D 230 10.99 -4.97 -24.18
N TYR D 231 10.92 -6.26 -24.50
CA TYR D 231 11.61 -7.27 -23.69
C TYR D 231 13.12 -7.05 -23.74
N ASP D 232 13.79 -7.36 -22.63
CA ASP D 232 15.24 -7.26 -22.58
C ASP D 232 15.92 -8.55 -22.99
N MET D 233 15.23 -9.67 -22.83
CA MET D 233 15.80 -10.99 -23.06
C MET D 233 14.72 -11.89 -23.59
N TYR D 234 15.15 -12.92 -24.30
CA TYR D 234 14.27 -14.00 -24.72
C TYR D 234 14.82 -15.34 -24.25
N HIS D 235 13.88 -16.24 -23.97
CA HIS D 235 14.16 -17.59 -23.47
C HIS D 235 13.52 -18.60 -24.40
N LEU D 236 14.33 -19.52 -24.91
CA LEU D 236 13.86 -20.54 -25.85
C LEU D 236 13.88 -21.90 -25.17
N SER D 237 12.72 -22.57 -25.14
CA SER D 237 12.56 -23.82 -24.40
C SER D 237 12.02 -24.90 -25.31
N ARG D 238 12.66 -26.07 -25.29
CA ARG D 238 12.15 -27.20 -26.03
C ARG D 238 11.18 -27.99 -25.18
N GLU D 239 10.04 -28.36 -25.77
CA GLU D 239 9.10 -29.23 -25.08
C GLU D 239 9.74 -30.58 -24.79
N GLY D 240 9.68 -31.00 -23.52
CA GLY D 240 10.38 -32.19 -23.10
C GLY D 240 11.86 -31.99 -22.82
N GLY D 241 12.36 -30.78 -22.96
CA GLY D 241 13.74 -30.45 -22.64
C GLY D 241 13.78 -29.47 -21.47
N ALA D 242 14.68 -29.75 -20.52
CA ALA D 242 14.85 -28.90 -19.36
C ALA D 242 15.79 -27.74 -19.62
N HIS D 243 16.53 -27.75 -20.72
CA HIS D 243 17.47 -26.69 -21.02
C HIS D 243 16.74 -25.48 -21.59
N GLU D 244 17.07 -24.31 -21.07
CA GLU D 244 16.62 -23.04 -21.62
C GLU D 244 17.81 -22.35 -22.27
N ARG D 245 17.62 -21.87 -23.50
CA ARG D 245 18.58 -21.00 -24.15
C ARG D 245 18.12 -19.57 -23.95
N ARG D 246 19.07 -18.66 -23.71
CA ARG D 246 18.72 -17.27 -23.43
C ARG D 246 19.59 -16.36 -24.29
N LEU D 247 18.96 -15.36 -24.88
CA LEU D 247 19.65 -14.36 -25.69
C LEU D 247 19.10 -12.99 -25.37
N PRO D 248 19.95 -11.97 -25.41
CA PRO D 248 19.44 -10.61 -25.24
C PRO D 248 18.60 -10.22 -26.43
N ALA D 249 17.56 -9.42 -26.17
CA ALA D 249 16.74 -8.91 -27.24
C ALA D 249 17.51 -7.80 -27.96
N VAL D 250 17.38 -7.77 -29.28
CA VAL D 250 18.10 -6.79 -30.09
C VAL D 250 17.09 -6.09 -31.00
N ARG D 251 17.36 -4.81 -31.25
CA ARG D 251 16.56 -4.04 -32.20
C ARG D 251 17.24 -4.17 -33.55
N LYS D 252 16.90 -5.23 -34.27
CA LYS D 252 17.56 -5.53 -35.54
C LYS D 252 16.89 -4.86 -36.72
N VAL D 253 15.56 -4.90 -36.76
CA VAL D 253 14.80 -4.41 -37.91
C VAL D 253 13.52 -3.77 -37.41
N ASN D 254 13.08 -2.74 -38.12
CA ASN D 254 11.76 -2.15 -37.87
C ASN D 254 11.72 -1.70 -36.41
N ARG D 255 10.60 -1.89 -35.73
CA ARG D 255 10.49 -1.59 -34.31
C ARG D 255 10.47 -2.86 -33.47
N THR D 256 10.91 -3.98 -34.04
CA THR D 256 10.81 -5.29 -33.41
C THR D 256 11.99 -5.55 -32.47
N PHE D 257 11.68 -6.11 -31.32
CA PHE D 257 12.67 -6.62 -30.38
C PHE D 257 12.78 -8.11 -30.63
N GLN D 258 13.97 -8.60 -30.98
CA GLN D 258 14.06 -10.01 -31.36
C GLN D 258 15.38 -10.62 -30.92
N ALA D 259 15.38 -11.94 -30.83
CA ALA D 259 16.59 -12.73 -30.65
C ALA D 259 16.53 -13.87 -31.65
N ASP D 260 17.67 -14.17 -32.27
CA ASP D 260 17.76 -15.20 -33.31
C ASP D 260 18.59 -16.35 -32.78
N PHE D 261 17.93 -17.44 -32.43
CA PHE D 261 18.61 -18.61 -31.92
C PHE D 261 19.06 -19.49 -33.08
N PRO D 262 20.36 -19.80 -33.18
CA PRO D 262 20.83 -20.57 -34.34
C PRO D 262 20.27 -21.98 -34.37
N LEU D 263 19.89 -22.41 -35.56
CA LEU D 263 19.63 -23.80 -35.85
C LEU D 263 20.89 -24.40 -36.46
N GLY D 264 21.18 -25.64 -36.10
CA GLY D 264 22.33 -26.31 -36.63
C GLY D 264 22.22 -27.81 -36.45
N PRO D 265 23.27 -28.54 -36.84
CA PRO D 265 23.26 -29.99 -36.62
C PRO D 265 23.20 -30.37 -35.14
N ALA D 266 23.58 -29.45 -34.24
CA ALA D 266 23.57 -29.73 -32.81
C ALA D 266 22.24 -29.41 -32.14
N THR D 267 21.36 -28.67 -32.80
CA THR D 267 20.05 -28.39 -32.25
C THR D 267 19.09 -29.53 -32.57
N HIS D 268 18.29 -29.90 -31.57
CA HIS D 268 17.38 -31.03 -31.70
C HIS D 268 16.06 -30.57 -32.31
N GLY D 269 15.46 -31.45 -33.11
CA GLY D 269 14.11 -31.22 -33.55
C GLY D 269 13.12 -31.32 -32.41
N GLY D 270 11.91 -30.89 -32.68
CA GLY D 270 10.84 -30.99 -31.72
C GLY D 270 10.07 -29.70 -31.64
N THR D 271 9.36 -29.53 -30.53
CA THR D 271 8.44 -28.43 -30.36
C THR D 271 9.07 -27.41 -29.41
N TYR D 272 9.15 -26.16 -29.86
CA TYR D 272 9.76 -25.09 -29.07
C TYR D 272 8.75 -24.00 -28.73
N ARG D 273 9.00 -23.31 -27.62
CA ARG D 273 8.27 -22.09 -27.25
C ARG D 273 9.29 -21.07 -26.79
N CYS D 274 8.93 -19.81 -26.92
CA CYS D 274 9.83 -18.79 -26.40
C CYS D 274 9.05 -17.78 -25.56
N PHE D 275 9.80 -17.09 -24.71
CA PHE D 275 9.26 -16.19 -23.71
C PHE D 275 10.13 -14.96 -23.65
N GLY D 276 9.52 -13.80 -23.43
CA GLY D 276 10.29 -12.60 -23.16
C GLY D 276 10.40 -12.34 -21.67
N SER D 277 11.44 -11.61 -21.29
CA SER D 277 11.55 -11.18 -19.91
C SER D 277 12.25 -9.84 -19.83
N PHE D 278 12.24 -9.25 -18.65
CA PHE D 278 12.84 -7.95 -18.38
C PHE D 278 14.06 -8.10 -17.47
N ARG D 279 15.05 -7.25 -17.72
CA ARG D 279 16.33 -7.34 -17.01
C ARG D 279 16.15 -7.26 -15.50
N HIS D 280 16.86 -8.12 -14.79
CA HIS D 280 16.90 -8.15 -13.33
C HIS D 280 15.54 -8.45 -12.69
N SER D 281 14.56 -8.92 -13.47
CA SER D 281 13.33 -9.49 -12.93
C SER D 281 13.21 -10.92 -13.43
N PRO D 282 14.06 -11.82 -12.91
CA PRO D 282 14.24 -13.13 -13.55
C PRO D 282 13.11 -14.11 -13.30
N TYR D 283 12.15 -13.79 -12.43
CA TYR D 283 11.14 -14.77 -12.06
C TYR D 283 9.80 -14.50 -12.71
N GLU D 284 9.73 -13.54 -13.62
CA GLU D 284 8.53 -13.35 -14.42
C GLU D 284 8.91 -13.33 -15.88
N TRP D 285 8.24 -14.15 -16.66
CA TRP D 285 8.37 -14.21 -18.09
C TRP D 285 7.03 -13.85 -18.72
N SER D 286 7.05 -13.59 -20.02
CA SER D 286 5.82 -13.37 -20.75
C SER D 286 5.00 -14.65 -20.85
N ASP D 287 3.75 -14.53 -21.28
CA ASP D 287 3.03 -15.68 -21.79
C ASP D 287 3.92 -16.40 -22.81
N PRO D 288 3.84 -17.71 -22.93
CA PRO D 288 4.64 -18.42 -23.94
C PRO D 288 4.13 -18.15 -25.34
N SER D 289 5.08 -18.06 -26.30
CA SER D 289 4.70 -18.09 -27.71
C SER D 289 3.86 -19.34 -28.01
N ASP D 290 3.09 -19.27 -29.09
CA ASP D 290 2.53 -20.49 -29.65
C ASP D 290 3.69 -21.44 -29.95
N PRO D 291 3.50 -22.74 -29.75
CA PRO D 291 4.59 -23.69 -30.01
C PRO D 291 4.94 -23.72 -31.49
N LEU D 292 6.20 -24.04 -31.77
CA LEU D 292 6.70 -24.14 -33.14
C LEU D 292 7.40 -25.47 -33.32
N LEU D 293 6.98 -26.23 -34.35
CA LEU D 293 7.68 -27.45 -34.72
C LEU D 293 8.96 -27.10 -35.47
N VAL D 294 10.07 -27.66 -35.03
CA VAL D 294 11.36 -27.48 -35.69
C VAL D 294 11.75 -28.82 -36.29
N SER D 295 12.01 -28.82 -37.60
CA SER D 295 12.26 -30.05 -38.33
C SER D 295 13.76 -30.26 -38.50
N VAL D 296 14.20 -31.50 -38.31
CA VAL D 296 15.61 -31.87 -38.32
C VAL D 296 16.41 -31.00 -37.36
#